data_6GNJ
#
_entry.id   6GNJ
#
_cell.length_a   160.398
_cell.length_b   59.357
_cell.length_c   120.641
_cell.angle_alpha   90.00
_cell.angle_beta   125.84
_cell.angle_gamma   90.00
#
_symmetry.space_group_name_H-M   'C 1 2 1'
#
loop_
_entity.id
_entity.type
_entity.pdbx_description
1 polymer '14-3-3 protein beta/alpha'
2 polymer 'Exoenzyme S'
3 non-polymer '3-(12-oxidanylidene-7-thia-9,11-diazatricyclo[6.4.0.0^{2,6}]dodeca-1(8),2(6),9-trien-10-yl)propanoic acid'
#
loop_
_entity_poly.entity_id
_entity_poly.type
_entity_poly.pdbx_seq_one_letter_code
_entity_poly.pdbx_strand_id
1 'polypeptide(L)'
;MTMDKSELVQKAKLAEQAERYDDMAAAMKAVTEQGHELSNEERNLLSVAYKNVVGARRSSWRVISSIEQKTERNEKKQQM
GKEYREKIEAELQDICNDVLELLDKYLIPNATQPESKVFYLKMKGDYFRYLSEVASGDNKQTTVSNSQQAYQEAFEISKK
EMQPTHPIRLGLALNFSVFYYEILNSPEKACSLAKTAFDEAIAELDTLNEESYKDSTLIMQLLRDNLTLWTSENENLYFQ
SLE
;
A,B
2 'polypeptide(L)'
;MGSSHHHHHHSQDPNSENLYFQGADKALADGLVKRFGADAEKYLGRQPGGIHSDAEVMALGLYTGIHYADLNRALRQGQE
LDAGQKLIDQGMSAAFEKSGQAEQVVKTFRGTRGGDAFNAVEEGKVGHDDGYLSTSLNPGVARSFGQGTISTVFGRSGID
VSGISNYKNAKAILYNKETDMRVLLSASDEQGVTRRVLEEAALGELSGHSQGLLDALDLASKPEPSGEVQEQDVRLRMRG
LDLA
;
C
#
loop_
_chem_comp.id
_chem_comp.type
_chem_comp.name
_chem_comp.formula
F4W non-polymer '3-(12-oxidanylidene-7-thia-9,11-diazatricyclo[6.4.0.0^{2,6}]dodeca-1(8),2(6),9-trien-10-yl)propanoic acid' 'C12 H12 N2 O3 S'
#
# COMPACT_ATOMS: atom_id res chain seq x y z
N MET A 3 -25.92 16.92 0.51
CA MET A 3 -25.28 16.15 1.58
C MET A 3 -24.28 16.99 2.43
N ASP A 4 -24.15 16.62 3.73
CA ASP A 4 -23.31 17.11 4.86
C ASP A 4 -21.80 16.83 4.60
N LYS A 5 -20.89 17.69 5.13
CA LYS A 5 -19.44 17.54 4.96
C LYS A 5 -18.97 16.17 5.50
N SER A 6 -19.39 15.82 6.74
CA SER A 6 -19.07 14.59 7.45
C SER A 6 -19.58 13.32 6.73
N GLU A 7 -20.82 13.35 6.18
CA GLU A 7 -21.45 12.26 5.42
C GLU A 7 -20.60 11.87 4.19
N LEU A 8 -20.15 12.89 3.43
CA LEU A 8 -19.36 12.77 2.22
C LEU A 8 -17.99 12.16 2.52
N VAL A 9 -17.38 12.56 3.65
CA VAL A 9 -16.05 12.09 4.12
C VAL A 9 -16.18 10.65 4.61
N GLN A 10 -17.33 10.28 5.21
CA GLN A 10 -17.57 8.91 5.64
C GLN A 10 -17.70 8.01 4.41
N LYS A 11 -18.45 8.48 3.37
CA LYS A 11 -18.61 7.75 2.10
C LYS A 11 -17.24 7.67 1.39
N ALA A 12 -16.46 8.77 1.44
CA ALA A 12 -15.12 8.83 0.85
C ALA A 12 -14.16 7.83 1.54
N LYS A 13 -14.24 7.67 2.88
CA LYS A 13 -13.42 6.71 3.63
C LYS A 13 -13.85 5.28 3.30
N LEU A 14 -15.18 5.06 3.19
CA LEU A 14 -15.82 3.79 2.86
C LEU A 14 -15.45 3.31 1.48
N ALA A 15 -15.57 4.19 0.45
CA ALA A 15 -15.28 3.91 -0.95
C ALA A 15 -13.84 3.52 -1.19
N GLU A 16 -12.92 3.98 -0.32
CA GLU A 16 -11.51 3.68 -0.39
C GLU A 16 -11.25 2.19 -0.11
N GLN A 17 -11.87 1.66 0.96
CA GLN A 17 -11.73 0.26 1.39
C GLN A 17 -12.30 -0.67 0.32
N ALA A 18 -13.40 -0.24 -0.30
CA ALA A 18 -14.11 -0.96 -1.36
C ALA A 18 -13.33 -0.87 -2.68
N GLU A 19 -12.30 0.02 -2.71
CA GLU A 19 -11.42 0.33 -3.85
C GLU A 19 -12.26 0.82 -5.03
N ARG A 20 -13.23 1.69 -4.71
CA ARG A 20 -14.15 2.33 -5.62
C ARG A 20 -13.73 3.77 -5.70
N TYR A 21 -12.47 3.99 -6.14
CA TYR A 21 -11.79 5.28 -6.18
C TYR A 21 -12.48 6.32 -7.04
N ASP A 22 -13.41 5.91 -7.92
CA ASP A 22 -14.17 6.86 -8.75
C ASP A 22 -15.23 7.55 -7.88
N ASP A 23 -15.95 6.79 -7.02
CA ASP A 23 -16.93 7.31 -6.02
C ASP A 23 -16.19 8.09 -4.92
N MET A 24 -14.98 7.60 -4.53
CA MET A 24 -14.13 8.20 -3.52
C MET A 24 -13.71 9.61 -3.96
N ALA A 25 -13.45 9.77 -5.28
CA ALA A 25 -13.06 11.04 -5.91
C ALA A 25 -14.24 12.01 -5.97
N ALA A 26 -15.43 11.51 -6.37
CA ALA A 26 -16.65 12.31 -6.45
C ALA A 26 -17.06 12.89 -5.08
N ALA A 27 -16.90 12.08 -4.00
CA ALA A 27 -17.23 12.46 -2.62
C ALA A 27 -16.34 13.60 -2.16
N MET A 28 -15.01 13.47 -2.37
CA MET A 28 -14.03 14.48 -1.98
C MET A 28 -14.11 15.75 -2.83
N LYS A 29 -14.51 15.63 -4.13
CA LYS A 29 -14.69 16.77 -5.04
C LYS A 29 -15.82 17.66 -4.49
N ALA A 30 -16.90 17.03 -3.99
CA ALA A 30 -18.06 17.68 -3.40
C ALA A 30 -17.67 18.44 -2.12
N VAL A 31 -16.83 17.81 -1.25
CA VAL A 31 -16.32 18.33 0.03
C VAL A 31 -15.47 19.59 -0.25
N THR A 32 -14.68 19.55 -1.34
CA THR A 32 -13.81 20.64 -1.78
C THR A 32 -14.65 21.81 -2.32
N GLU A 33 -15.70 21.50 -3.09
CA GLU A 33 -16.60 22.49 -3.68
C GLU A 33 -17.44 23.23 -2.62
N GLN A 34 -17.31 22.85 -1.32
CA GLN A 34 -18.02 23.52 -0.21
C GLN A 34 -17.32 24.84 0.17
N GLY A 35 -16.15 25.09 -0.43
CA GLY A 35 -15.37 26.32 -0.25
C GLY A 35 -14.66 26.50 1.07
N HIS A 36 -14.45 25.40 1.81
CA HIS A 36 -13.74 25.49 3.08
C HIS A 36 -12.42 24.77 2.98
N GLU A 37 -11.42 25.28 3.74
CA GLU A 37 -10.07 24.72 3.78
C GLU A 37 -10.11 23.31 4.36
N LEU A 38 -9.61 22.33 3.58
CA LEU A 38 -9.59 20.91 3.94
C LEU A 38 -8.61 20.61 5.09
N SER A 39 -9.05 19.75 6.03
CA SER A 39 -8.23 19.25 7.14
C SER A 39 -7.19 18.29 6.57
N ASN A 40 -6.05 18.09 7.25
CA ASN A 40 -5.00 17.17 6.79
C ASN A 40 -5.57 15.82 6.32
N GLU A 41 -6.58 15.25 7.04
CA GLU A 41 -7.18 13.99 6.63
C GLU A 41 -7.92 14.14 5.30
N GLU A 42 -8.78 15.19 5.17
CA GLU A 42 -9.57 15.50 3.97
C GLU A 42 -8.66 15.68 2.75
N ARG A 43 -7.57 16.47 2.91
CA ARG A 43 -6.57 16.72 1.88
C ARG A 43 -5.96 15.41 1.40
N ASN A 44 -5.61 14.50 2.35
CA ASN A 44 -5.03 13.20 2.04
C ASN A 44 -6.03 12.29 1.31
N LEU A 45 -7.32 12.30 1.72
CA LEU A 45 -8.37 11.51 1.08
C LEU A 45 -8.61 11.96 -0.36
N LEU A 46 -8.56 13.28 -0.63
CA LEU A 46 -8.77 13.83 -1.98
C LEU A 46 -7.63 13.43 -2.91
N SER A 47 -6.39 13.59 -2.40
CA SER A 47 -5.16 13.34 -3.10
C SER A 47 -4.97 11.89 -3.48
N VAL A 48 -5.39 10.92 -2.62
CA VAL A 48 -5.24 9.48 -2.94
C VAL A 48 -6.30 9.06 -3.93
N ALA A 49 -7.53 9.64 -3.82
CA ALA A 49 -8.66 9.34 -4.70
C ALA A 49 -8.31 9.64 -6.14
N TYR A 50 -7.84 10.88 -6.39
CA TYR A 50 -7.45 11.34 -7.72
C TYR A 50 -6.14 10.70 -8.19
N LYS A 51 -5.16 10.45 -7.28
CA LYS A 51 -3.90 9.73 -7.57
C LYS A 51 -4.27 8.42 -8.24
N ASN A 52 -5.25 7.69 -7.65
CA ASN A 52 -5.75 6.40 -8.12
C ASN A 52 -6.57 6.53 -9.43
N VAL A 53 -7.53 7.47 -9.50
CA VAL A 53 -8.37 7.69 -10.70
C VAL A 53 -7.50 8.03 -11.93
N VAL A 54 -6.65 9.07 -11.82
CA VAL A 54 -5.75 9.50 -12.88
C VAL A 54 -4.72 8.40 -13.21
N GLY A 55 -4.13 7.79 -12.18
CA GLY A 55 -3.13 6.74 -12.29
C GLY A 55 -3.61 5.53 -13.06
N ALA A 56 -4.88 5.18 -12.89
CA ALA A 56 -5.49 4.06 -13.58
C ALA A 56 -5.44 4.26 -15.12
N ARG A 57 -5.70 5.51 -15.59
CA ARG A 57 -5.68 5.86 -17.01
C ARG A 57 -4.24 6.05 -17.49
N ARG A 58 -3.32 6.45 -16.59
CA ARG A 58 -1.91 6.61 -16.97
C ARG A 58 -1.35 5.27 -17.33
N SER A 59 -1.73 4.19 -16.57
CA SER A 59 -1.27 2.82 -16.84
C SER A 59 -1.86 2.33 -18.15
N SER A 60 -3.21 2.30 -18.25
CA SER A 60 -3.98 1.95 -19.45
C SER A 60 -3.42 2.67 -20.70
N TRP A 61 -3.05 3.98 -20.60
CA TRP A 61 -2.49 4.78 -21.69
C TRP A 61 -1.14 4.21 -22.15
N ARG A 62 -0.19 3.99 -21.21
CA ARG A 62 1.16 3.45 -21.44
C ARG A 62 1.07 2.07 -22.08
N VAL A 63 0.06 1.26 -21.67
CA VAL A 63 -0.22 -0.08 -22.14
C VAL A 63 -0.62 -0.01 -23.56
N ILE A 64 -1.64 0.81 -23.86
CA ILE A 64 -2.18 0.93 -25.22
C ILE A 64 -1.09 1.55 -26.16
N SER A 65 -0.29 2.52 -25.66
CA SER A 65 0.79 3.13 -26.43
C SER A 65 1.85 2.08 -26.78
N SER A 66 2.13 1.15 -25.86
CA SER A 66 3.08 0.05 -26.04
C SER A 66 2.61 -0.91 -27.13
N ILE A 67 1.29 -1.20 -27.13
CA ILE A 67 0.58 -2.07 -28.08
C ILE A 67 0.49 -1.38 -29.47
N GLU A 68 0.31 -0.04 -29.49
CA GLU A 68 0.23 0.79 -30.70
C GLU A 68 1.45 0.58 -31.60
N GLN A 69 2.62 0.46 -30.97
CA GLN A 69 3.92 0.28 -31.60
C GLN A 69 4.17 -1.19 -31.96
N LYS A 70 3.91 -2.13 -31.04
CA LYS A 70 4.11 -3.56 -31.28
C LYS A 70 3.22 -4.09 -32.42
N THR A 71 1.96 -3.60 -32.50
CA THR A 71 0.98 -3.99 -33.52
C THR A 71 0.91 -2.91 -34.61
N GLU A 72 1.59 -3.16 -35.75
CA GLU A 72 1.66 -2.22 -36.85
C GLU A 72 1.65 -2.93 -38.19
N ARG A 73 0.46 -3.18 -38.76
CA ARG A 73 0.35 -3.79 -40.09
C ARG A 73 -0.88 -3.30 -40.86
N ASN A 74 -2.07 -3.31 -40.20
CA ASN A 74 -3.36 -3.00 -40.81
C ASN A 74 -3.86 -1.55 -40.54
N GLU A 75 -4.26 -0.88 -41.64
CA GLU A 75 -4.81 0.48 -41.76
C GLU A 75 -6.02 0.65 -40.81
N LYS A 76 -6.73 -0.46 -40.54
CA LYS A 76 -7.90 -0.52 -39.67
C LYS A 76 -7.50 -0.88 -38.24
N LYS A 77 -6.67 -1.94 -38.03
CA LYS A 77 -6.20 -2.39 -36.70
C LYS A 77 -5.44 -1.29 -35.96
N GLN A 78 -4.66 -0.50 -36.72
CA GLN A 78 -3.90 0.61 -36.16
C GLN A 78 -4.82 1.76 -35.84
N GLN A 79 -5.89 1.96 -36.66
CA GLN A 79 -6.90 2.99 -36.41
C GLN A 79 -7.67 2.66 -35.12
N MET A 80 -7.90 1.34 -34.82
CA MET A 80 -8.57 0.85 -33.59
C MET A 80 -7.76 1.23 -32.36
N GLY A 81 -6.44 1.12 -32.46
CA GLY A 81 -5.51 1.50 -31.41
C GLY A 81 -5.47 3.00 -31.17
N LYS A 82 -5.31 3.81 -32.27
CA LYS A 82 -5.27 5.28 -32.21
C LYS A 82 -6.52 5.80 -31.50
N GLU A 83 -7.70 5.27 -31.86
CA GLU A 83 -9.00 5.62 -31.27
C GLU A 83 -9.04 5.31 -29.78
N TYR A 84 -8.61 4.09 -29.39
CA TYR A 84 -8.59 3.69 -27.97
C TYR A 84 -7.57 4.51 -27.18
N ARG A 85 -6.41 4.80 -27.78
CA ARG A 85 -5.42 5.65 -27.11
C ARG A 85 -6.03 7.03 -26.89
N GLU A 86 -6.70 7.57 -27.92
CA GLU A 86 -7.36 8.87 -27.88
C GLU A 86 -8.53 8.88 -26.88
N LYS A 87 -9.31 7.77 -26.75
CA LYS A 87 -10.41 7.69 -25.76
C LYS A 87 -9.85 7.86 -24.33
N ILE A 88 -8.71 7.19 -24.03
CA ILE A 88 -8.04 7.23 -22.74
C ILE A 88 -7.41 8.64 -22.51
N GLU A 89 -6.77 9.26 -23.56
CA GLU A 89 -6.23 10.63 -23.46
C GLU A 89 -7.35 11.61 -23.05
N ALA A 90 -8.57 11.41 -23.60
CA ALA A 90 -9.77 12.21 -23.37
C ALA A 90 -10.15 12.19 -21.90
N GLU A 91 -10.07 11.01 -21.25
CA GLU A 91 -10.40 10.82 -19.85
C GLU A 91 -9.32 11.46 -19.01
N LEU A 92 -8.03 11.12 -19.28
CA LEU A 92 -6.89 11.71 -18.54
C LEU A 92 -7.00 13.22 -18.50
N GLN A 93 -7.34 13.86 -19.64
CA GLN A 93 -7.47 15.30 -19.76
C GLN A 93 -8.58 15.79 -18.89
N ASP A 94 -9.74 15.09 -18.86
CA ASP A 94 -10.89 15.49 -18.06
C ASP A 94 -10.70 15.29 -16.54
N ILE A 95 -9.92 14.25 -16.12
CA ILE A 95 -9.62 13.99 -14.70
C ILE A 95 -8.69 15.11 -14.23
N CYS A 96 -7.68 15.42 -15.03
CA CYS A 96 -6.75 16.47 -14.73
C CYS A 96 -7.44 17.80 -14.72
N ASN A 97 -8.41 18.02 -15.61
CA ASN A 97 -9.12 19.30 -15.63
C ASN A 97 -9.98 19.51 -14.37
N ASP A 98 -10.75 18.49 -13.89
CA ASP A 98 -11.54 18.57 -12.65
C ASP A 98 -10.66 18.93 -11.47
N VAL A 99 -9.54 18.17 -11.35
CA VAL A 99 -8.58 18.29 -10.26
C VAL A 99 -7.74 19.60 -10.36
N LEU A 100 -7.35 20.09 -11.57
CA LEU A 100 -6.61 21.35 -11.67
C LEU A 100 -7.54 22.54 -11.36
N GLU A 101 -8.85 22.43 -11.74
CA GLU A 101 -9.89 23.45 -11.50
C GLU A 101 -10.20 23.51 -10.01
N LEU A 102 -10.10 22.37 -9.30
CA LEU A 102 -10.29 22.35 -7.85
C LEU A 102 -9.16 23.09 -7.17
N LEU A 103 -7.93 22.98 -7.70
CA LEU A 103 -6.73 23.62 -7.15
C LEU A 103 -6.80 25.13 -7.29
N ASP A 104 -7.14 25.60 -8.50
CA ASP A 104 -7.24 27.02 -8.83
C ASP A 104 -8.39 27.70 -8.12
N LYS A 105 -9.61 27.11 -8.18
CA LYS A 105 -10.82 27.70 -7.60
C LYS A 105 -10.89 27.66 -6.06
N TYR A 106 -10.56 26.52 -5.45
CA TYR A 106 -10.71 26.36 -4.02
C TYR A 106 -9.42 26.09 -3.24
N LEU A 107 -8.77 24.93 -3.47
CA LEU A 107 -7.63 24.39 -2.72
C LEU A 107 -6.47 25.37 -2.50
N ILE A 108 -5.86 25.92 -3.59
CA ILE A 108 -4.71 26.85 -3.49
C ILE A 108 -5.16 28.23 -2.88
N PRO A 109 -6.23 28.92 -3.36
CA PRO A 109 -6.59 30.21 -2.73
C PRO A 109 -6.92 30.10 -1.23
N ASN A 110 -7.76 29.11 -0.83
CA ASN A 110 -8.21 28.89 0.55
C ASN A 110 -7.06 28.47 1.49
N ALA A 111 -6.01 27.75 0.97
CA ALA A 111 -4.84 27.30 1.76
C ALA A 111 -4.07 28.48 2.38
N THR A 112 -4.00 28.48 3.76
CA THR A 112 -3.41 29.54 4.61
C THR A 112 -2.07 29.14 5.24
N GLN A 113 -1.88 27.86 5.60
CA GLN A 113 -0.60 27.43 6.17
C GLN A 113 0.42 27.15 5.00
N PRO A 114 1.76 27.27 5.23
CA PRO A 114 2.69 27.07 4.11
C PRO A 114 2.77 25.61 3.66
N GLU A 115 2.76 24.66 4.64
CA GLU A 115 2.78 23.21 4.45
C GLU A 115 1.73 22.83 3.39
N SER A 116 0.48 23.32 3.58
CA SER A 116 -0.62 23.06 2.66
C SER A 116 -0.45 23.82 1.36
N LYS A 117 -0.05 25.12 1.40
CA LYS A 117 0.13 25.91 0.17
C LYS A 117 1.18 25.25 -0.76
N VAL A 118 2.22 24.60 -0.19
CA VAL A 118 3.24 23.87 -0.97
C VAL A 118 2.62 22.58 -1.50
N PHE A 119 1.94 21.78 -0.63
CA PHE A 119 1.32 20.51 -1.01
C PHE A 119 0.50 20.63 -2.28
N TYR A 120 -0.40 21.65 -2.34
CA TYR A 120 -1.32 21.87 -3.46
C TYR A 120 -0.59 22.40 -4.70
N LEU A 121 0.42 23.26 -4.50
CA LEU A 121 1.19 23.78 -5.64
C LEU A 121 2.04 22.65 -6.26
N LYS A 122 2.57 21.72 -5.43
CA LYS A 122 3.27 20.53 -5.94
C LYS A 122 2.26 19.69 -6.76
N MET A 123 1.03 19.51 -6.21
CA MET A 123 -0.05 18.74 -6.81
C MET A 123 -0.49 19.34 -8.14
N LYS A 124 -0.37 20.68 -8.33
CA LYS A 124 -0.70 21.41 -9.57
C LYS A 124 0.29 21.02 -10.69
N GLY A 125 1.59 20.96 -10.35
CA GLY A 125 2.63 20.53 -11.26
C GLY A 125 2.49 19.07 -11.66
N ASP A 126 2.06 18.22 -10.70
CA ASP A 126 1.83 16.81 -10.87
C ASP A 126 0.80 16.54 -11.96
N TYR A 127 -0.37 17.20 -11.86
CA TYR A 127 -1.46 16.97 -12.80
C TYR A 127 -1.15 17.68 -14.13
N PHE A 128 -0.28 18.70 -14.15
CA PHE A 128 0.12 19.30 -15.42
C PHE A 128 1.11 18.38 -16.12
N ARG A 129 2.00 17.72 -15.34
CA ARG A 129 2.97 16.76 -15.83
C ARG A 129 2.25 15.59 -16.51
N TYR A 130 1.15 15.08 -15.88
CA TYR A 130 0.33 13.98 -16.43
C TYR A 130 -0.27 14.41 -17.77
N LEU A 131 -0.72 15.69 -17.87
CA LEU A 131 -1.23 16.26 -19.11
C LEU A 131 -0.14 16.31 -20.16
N SER A 132 1.09 16.65 -19.75
CA SER A 132 2.27 16.78 -20.61
C SER A 132 2.65 15.49 -21.27
N GLU A 133 2.47 14.37 -20.56
CA GLU A 133 2.83 13.02 -21.00
C GLU A 133 2.08 12.63 -22.27
N VAL A 134 0.82 13.06 -22.40
CA VAL A 134 -0.03 12.71 -23.53
C VAL A 134 -0.15 13.87 -24.55
N ALA A 135 0.11 15.14 -24.11
CA ALA A 135 -0.02 16.39 -24.87
C ALA A 135 0.91 16.47 -26.08
N SER A 136 0.47 17.21 -27.10
CA SER A 136 1.17 17.33 -28.38
C SER A 136 1.39 18.77 -28.87
N GLY A 137 2.63 19.03 -29.25
CA GLY A 137 3.11 20.28 -29.82
C GLY A 137 2.93 21.52 -28.98
N ASP A 138 2.08 22.45 -29.47
CA ASP A 138 1.77 23.76 -28.89
C ASP A 138 1.04 23.61 -27.55
N ASN A 139 0.19 22.60 -27.43
CA ASN A 139 -0.53 22.30 -26.20
C ASN A 139 0.46 21.71 -25.17
N LYS A 140 1.43 20.86 -25.63
CA LYS A 140 2.48 20.24 -24.79
C LYS A 140 3.36 21.33 -24.24
N GLN A 141 3.72 22.32 -25.08
CA GLN A 141 4.51 23.47 -24.68
C GLN A 141 3.85 24.16 -23.51
N THR A 142 2.51 24.40 -23.61
CA THR A 142 1.68 25.04 -22.58
C THR A 142 1.63 24.22 -21.28
N THR A 143 1.37 22.90 -21.37
CA THR A 143 1.27 22.05 -20.16
C THR A 143 2.65 21.81 -19.52
N VAL A 144 3.75 21.89 -20.29
CA VAL A 144 5.09 21.70 -19.69
C VAL A 144 5.46 22.99 -18.93
N SER A 145 5.20 24.16 -19.54
CA SER A 145 5.45 25.48 -18.97
C SER A 145 4.72 25.65 -17.65
N ASN A 146 3.49 25.12 -17.57
CA ASN A 146 2.62 25.23 -16.41
C ASN A 146 3.06 24.29 -15.32
N SER A 147 3.56 23.09 -15.69
CA SER A 147 4.04 22.11 -14.72
C SER A 147 5.26 22.66 -14.00
N GLN A 148 6.24 23.20 -14.75
CA GLN A 148 7.49 23.77 -14.25
C GLN A 148 7.21 24.94 -13.30
N GLN A 149 6.28 25.87 -13.69
CA GLN A 149 5.88 27.06 -12.92
C GLN A 149 5.26 26.69 -11.55
N ALA A 150 4.31 25.75 -11.53
CA ALA A 150 3.65 25.28 -10.30
C ALA A 150 4.64 24.63 -9.38
N TYR A 151 5.56 23.81 -9.91
CA TYR A 151 6.60 23.17 -9.11
C TYR A 151 7.55 24.25 -8.53
N GLN A 152 8.08 25.14 -9.41
CA GLN A 152 9.00 26.20 -9.03
C GLN A 152 8.39 27.12 -7.97
N GLU A 153 7.10 27.52 -8.11
CA GLU A 153 6.44 28.40 -7.13
C GLU A 153 6.43 27.73 -5.76
N ALA A 154 6.06 26.42 -5.68
CA ALA A 154 6.01 25.62 -4.45
C ALA A 154 7.39 25.45 -3.89
N PHE A 155 8.39 25.29 -4.76
CA PHE A 155 9.77 25.09 -4.36
C PHE A 155 10.37 26.28 -3.61
N GLU A 156 10.13 27.51 -4.07
CA GLU A 156 10.62 28.72 -3.40
C GLU A 156 10.00 28.87 -2.00
N ILE A 157 8.70 28.57 -1.88
CA ILE A 157 7.95 28.62 -0.62
C ILE A 157 8.48 27.54 0.35
N SER A 158 8.77 26.30 -0.16
CA SER A 158 9.29 25.18 0.64
C SER A 158 10.66 25.50 1.22
N LYS A 159 11.48 26.26 0.47
CA LYS A 159 12.82 26.67 0.91
C LYS A 159 12.70 27.71 2.05
N LYS A 160 11.82 28.73 1.88
CA LYS A 160 11.64 29.79 2.88
C LYS A 160 10.98 29.28 4.18
N GLU A 161 9.73 28.77 4.11
CA GLU A 161 8.90 28.37 5.25
C GLU A 161 8.90 26.87 5.60
N MET A 162 9.93 26.08 5.24
CA MET A 162 9.87 24.65 5.58
C MET A 162 11.23 24.01 5.82
N GLN A 163 11.24 22.94 6.64
CA GLN A 163 12.44 22.20 7.00
C GLN A 163 12.94 21.36 5.82
N PRO A 164 14.27 21.25 5.65
CA PRO A 164 14.83 20.44 4.54
C PRO A 164 14.47 18.94 4.58
N THR A 165 13.95 18.47 5.75
CA THR A 165 13.55 17.09 6.04
C THR A 165 12.03 16.91 6.07
N HIS A 166 11.25 17.95 5.70
CA HIS A 166 9.79 17.84 5.66
C HIS A 166 9.38 16.85 4.56
N PRO A 167 8.50 15.85 4.82
CA PRO A 167 8.11 14.92 3.74
C PRO A 167 7.50 15.63 2.54
N ILE A 168 6.80 16.78 2.77
CA ILE A 168 6.21 17.57 1.68
C ILE A 168 7.33 18.21 0.83
N ARG A 169 8.34 18.90 1.44
CA ARG A 169 9.47 19.53 0.73
C ARG A 169 10.26 18.47 -0.05
N LEU A 170 10.53 17.31 0.58
CA LEU A 170 11.25 16.17 -0.02
C LEU A 170 10.43 15.54 -1.15
N GLY A 171 9.12 15.38 -0.96
CA GLY A 171 8.21 14.84 -1.96
C GLY A 171 8.18 15.65 -3.24
N LEU A 172 8.15 17.00 -3.11
CA LEU A 172 8.15 17.96 -4.23
C LEU A 172 9.47 17.85 -4.97
N ALA A 173 10.57 17.79 -4.20
CA ALA A 173 11.93 17.63 -4.69
C ALA A 173 12.08 16.30 -5.48
N LEU A 174 11.38 15.22 -5.08
CA LEU A 174 11.45 13.96 -5.84
C LEU A 174 10.63 14.08 -7.15
N ASN A 175 9.38 14.64 -7.09
CA ASN A 175 8.55 14.78 -8.30
C ASN A 175 9.12 15.80 -9.31
N PHE A 176 9.70 16.94 -8.84
CA PHE A 176 10.30 17.96 -9.71
C PHE A 176 11.53 17.42 -10.44
N SER A 177 12.39 16.65 -9.72
CA SER A 177 13.58 16.01 -10.30
C SER A 177 13.15 14.95 -11.32
N VAL A 178 11.97 14.32 -11.10
CA VAL A 178 11.40 13.35 -12.03
C VAL A 178 10.76 14.13 -13.20
N PHE A 179 10.26 15.37 -12.97
CA PHE A 179 9.73 16.20 -14.04
C PHE A 179 10.88 16.53 -15.00
N TYR A 180 12.04 16.98 -14.50
CA TYR A 180 13.19 17.30 -15.34
C TYR A 180 13.74 16.09 -16.11
N TYR A 181 13.83 14.93 -15.45
CA TYR A 181 14.38 13.72 -16.05
C TYR A 181 13.48 13.09 -17.10
N GLU A 182 12.15 13.02 -16.83
CA GLU A 182 11.17 12.40 -17.70
C GLU A 182 10.61 13.35 -18.79
N ILE A 183 10.08 14.52 -18.37
CA ILE A 183 9.40 15.49 -19.22
C ILE A 183 10.37 16.41 -19.98
N LEU A 184 11.29 17.09 -19.29
CA LEU A 184 12.23 18.00 -19.94
C LEU A 184 13.46 17.26 -20.48
N ASN A 185 13.60 15.96 -20.14
CA ASN A 185 14.68 15.05 -20.53
C ASN A 185 16.04 15.70 -20.30
N SER A 186 16.23 16.24 -19.08
CA SER A 186 17.46 16.86 -18.63
C SER A 186 17.92 16.16 -17.37
N PRO A 187 18.76 15.11 -17.53
CA PRO A 187 19.27 14.39 -16.34
C PRO A 187 20.16 15.30 -15.49
N GLU A 188 20.89 16.24 -16.14
CA GLU A 188 21.74 17.21 -15.46
C GLU A 188 20.91 18.04 -14.49
N LYS A 189 19.76 18.58 -14.96
CA LYS A 189 18.82 19.39 -14.17
C LYS A 189 18.18 18.52 -13.08
N ALA A 190 17.83 17.27 -13.44
CA ALA A 190 17.20 16.25 -12.59
C ALA A 190 18.08 15.94 -11.40
N CYS A 191 19.36 15.63 -11.64
CA CYS A 191 20.33 15.31 -10.59
C CYS A 191 20.60 16.49 -9.71
N SER A 192 20.99 17.65 -10.28
CA SER A 192 21.26 18.92 -9.59
C SER A 192 20.23 19.23 -8.49
N LEU A 193 18.93 19.03 -8.80
CA LEU A 193 17.82 19.24 -7.88
C LEU A 193 17.76 18.19 -6.76
N ALA A 194 17.91 16.90 -7.15
CA ALA A 194 17.88 15.76 -6.25
C ALA A 194 19.06 15.77 -5.27
N LYS A 195 20.26 16.20 -5.75
CA LYS A 195 21.48 16.32 -4.94
C LYS A 195 21.23 17.34 -3.83
N THR A 196 20.89 18.61 -4.18
CA THR A 196 20.63 19.74 -3.29
C THR A 196 19.60 19.36 -2.20
N ALA A 197 18.47 18.80 -2.60
CA ALA A 197 17.38 18.39 -1.70
C ALA A 197 17.83 17.34 -0.69
N PHE A 198 18.75 16.47 -1.11
CA PHE A 198 19.28 15.39 -0.29
C PHE A 198 20.36 15.92 0.64
N ASP A 199 21.34 16.66 0.07
CA ASP A 199 22.48 17.29 0.73
C ASP A 199 22.07 18.18 1.87
N GLU A 200 20.90 18.86 1.70
CA GLU A 200 20.34 19.79 2.68
C GLU A 200 19.64 19.02 3.76
N ALA A 201 19.09 17.86 3.40
CA ALA A 201 18.37 17.00 4.33
C ALA A 201 19.33 16.20 5.21
N ILE A 202 20.41 15.60 4.63
CA ILE A 202 21.43 14.83 5.41
C ILE A 202 22.12 15.75 6.41
N ALA A 203 22.32 17.03 6.03
CA ALA A 203 22.95 18.04 6.86
C ALA A 203 22.08 18.37 8.12
N GLU A 204 20.76 18.34 7.97
CA GLU A 204 19.87 18.70 9.08
C GLU A 204 18.87 17.58 9.47
N LEU A 205 19.39 16.39 9.79
CA LEU A 205 18.54 15.26 10.23
C LEU A 205 18.02 15.51 11.66
N ASP A 206 18.59 16.52 12.37
CA ASP A 206 18.15 16.98 13.69
C ASP A 206 16.79 17.66 13.56
N THR A 207 16.44 18.12 12.32
CA THR A 207 15.15 18.79 12.00
C THR A 207 14.03 17.76 11.66
N LEU A 208 14.27 16.44 11.86
CA LEU A 208 13.26 15.39 11.60
C LEU A 208 12.08 15.49 12.56
N ASN A 209 10.87 15.17 12.10
CA ASN A 209 9.73 15.19 13.00
C ASN A 209 9.55 13.81 13.58
N GLU A 210 9.20 13.74 14.87
CA GLU A 210 8.97 12.46 15.54
C GLU A 210 7.69 11.82 15.01
N GLU A 211 6.82 12.64 14.38
CA GLU A 211 5.56 12.23 13.77
C GLU A 211 5.77 11.58 12.41
N SER A 212 6.71 12.14 11.60
CA SER A 212 7.01 11.74 10.22
C SER A 212 8.50 11.51 9.96
N TYR A 213 9.19 10.70 10.78
CA TYR A 213 10.62 10.47 10.55
C TYR A 213 10.86 9.40 9.48
N LYS A 214 10.10 8.28 9.56
CA LYS A 214 10.11 7.12 8.64
C LYS A 214 9.59 7.56 7.28
N ASP A 215 8.69 8.55 7.30
CA ASP A 215 8.12 9.20 6.14
C ASP A 215 9.24 9.87 5.32
N SER A 216 10.10 10.65 5.99
CA SER A 216 11.22 11.41 5.40
C SER A 216 12.35 10.50 4.90
N THR A 217 12.86 9.58 5.76
CA THR A 217 13.92 8.64 5.38
C THR A 217 13.53 7.88 4.11
N LEU A 218 12.24 7.47 3.96
CA LEU A 218 11.77 6.76 2.75
C LEU A 218 11.99 7.60 1.48
N ILE A 219 11.50 8.89 1.48
CA ILE A 219 11.60 9.81 0.36
C ILE A 219 13.09 10.16 0.13
N MET A 220 13.87 10.23 1.21
CA MET A 220 15.31 10.52 1.12
C MET A 220 16.05 9.40 0.44
N GLN A 221 15.62 8.14 0.65
CA GLN A 221 16.21 6.97 0.01
C GLN A 221 15.96 7.04 -1.49
N LEU A 222 14.67 7.28 -1.90
CA LEU A 222 14.24 7.40 -3.31
C LEU A 222 15.07 8.44 -4.06
N LEU A 223 15.40 9.60 -3.42
CA LEU A 223 16.27 10.63 -4.00
C LEU A 223 17.69 10.05 -4.19
N ARG A 224 18.28 9.56 -3.12
CA ARG A 224 19.63 9.01 -3.12
C ARG A 224 19.77 7.89 -4.13
N ASP A 225 18.73 7.07 -4.34
CA ASP A 225 18.71 5.98 -5.33
C ASP A 225 18.71 6.53 -6.76
N ASN A 226 17.77 7.43 -7.11
CA ASN A 226 17.73 8.02 -8.46
C ASN A 226 19.05 8.72 -8.79
N LEU A 227 19.66 9.44 -7.83
CA LEU A 227 20.92 10.13 -8.07
C LEU A 227 22.01 9.17 -8.48
N THR A 228 22.18 8.06 -7.73
CA THR A 228 23.21 7.05 -8.02
C THR A 228 22.85 6.23 -9.30
N LEU A 229 21.55 6.12 -9.67
CA LEU A 229 21.12 5.41 -10.88
C LEU A 229 21.32 6.28 -12.12
N TRP A 230 20.96 7.58 -12.02
CA TRP A 230 21.09 8.50 -13.13
C TRP A 230 22.57 8.78 -13.41
N THR A 231 23.45 8.71 -12.37
CA THR A 231 24.91 8.92 -12.51
C THR A 231 25.70 7.58 -12.62
N SER A 232 25.11 6.56 -13.28
CA SER A 232 25.80 5.30 -13.40
C SER A 232 25.88 4.78 -14.83
N GLU A 233 27.10 4.30 -15.17
CA GLU A 233 27.50 3.72 -16.46
C GLU A 233 28.02 2.30 -16.28
N MET B 3 -21.72 -1.68 -35.79
CA MET B 3 -20.31 -1.96 -35.48
C MET B 3 -19.89 -3.33 -35.99
N ASP B 4 -18.71 -3.44 -36.66
CA ASP B 4 -18.24 -4.75 -37.20
C ASP B 4 -17.92 -5.71 -36.06
N LYS B 5 -18.17 -7.04 -36.24
CA LYS B 5 -17.89 -8.08 -35.24
C LYS B 5 -16.39 -8.06 -34.86
N SER B 6 -15.49 -8.05 -35.86
CA SER B 6 -14.03 -8.04 -35.72
C SER B 6 -13.49 -6.78 -35.00
N GLU B 7 -14.05 -5.58 -35.32
CA GLU B 7 -13.69 -4.28 -34.69
C GLU B 7 -13.92 -4.31 -33.17
N LEU B 8 -15.09 -4.83 -32.76
CA LEU B 8 -15.52 -4.95 -31.37
C LEU B 8 -14.63 -5.90 -30.58
N VAL B 9 -14.22 -7.03 -31.22
CA VAL B 9 -13.35 -8.07 -30.64
C VAL B 9 -11.93 -7.53 -30.52
N GLN B 10 -11.50 -6.66 -31.46
CA GLN B 10 -10.18 -6.04 -31.40
C GLN B 10 -10.14 -5.06 -30.23
N LYS B 11 -11.22 -4.24 -30.06
CA LYS B 11 -11.35 -3.30 -28.94
C LYS B 11 -11.47 -4.09 -27.63
N ALA B 12 -12.22 -5.23 -27.64
CA ALA B 12 -12.37 -6.12 -26.48
C ALA B 12 -11.01 -6.72 -26.05
N LYS B 13 -10.14 -7.11 -27.03
CA LYS B 13 -8.82 -7.66 -26.74
C LYS B 13 -7.91 -6.58 -26.17
N LEU B 14 -8.00 -5.36 -26.75
CA LEU B 14 -7.25 -4.16 -26.39
C LEU B 14 -7.58 -3.70 -24.97
N ALA B 15 -8.89 -3.58 -24.65
CA ALA B 15 -9.41 -3.14 -23.35
C ALA B 15 -8.98 -4.06 -22.21
N GLU B 16 -8.72 -5.32 -22.51
CA GLU B 16 -8.29 -6.32 -21.54
C GLU B 16 -6.88 -6.00 -21.02
N GLN B 17 -5.95 -5.70 -21.94
CA GLN B 17 -4.55 -5.37 -21.61
C GLN B 17 -4.48 -4.10 -20.79
N ALA B 18 -5.36 -3.13 -21.13
CA ALA B 18 -5.49 -1.83 -20.48
C ALA B 18 -6.17 -1.99 -19.12
N GLU B 19 -6.73 -3.19 -18.86
CA GLU B 19 -7.48 -3.58 -17.68
C GLU B 19 -8.68 -2.66 -17.47
N ARG B 20 -9.38 -2.39 -18.58
CA ARG B 20 -10.56 -1.55 -18.69
C ARG B 20 -11.71 -2.49 -18.96
N TYR B 21 -11.92 -3.44 -18.02
CA TYR B 21 -12.88 -4.53 -18.10
C TYR B 21 -14.31 -4.08 -18.27
N ASP B 22 -14.64 -2.80 -17.98
CA ASP B 22 -16.00 -2.27 -18.17
C ASP B 22 -16.24 -2.07 -19.67
N ASP B 23 -15.25 -1.48 -20.40
CA ASP B 23 -15.29 -1.31 -21.88
C ASP B 23 -15.19 -2.68 -22.57
N MET B 24 -14.36 -3.59 -22.00
CA MET B 24 -14.15 -4.95 -22.49
C MET B 24 -15.47 -5.72 -22.46
N ALA B 25 -16.29 -5.49 -21.41
CA ALA B 25 -17.60 -6.11 -21.21
C ALA B 25 -18.63 -5.55 -22.20
N ALA B 26 -18.66 -4.22 -22.39
CA ALA B 26 -19.55 -3.54 -23.33
C ALA B 26 -19.33 -4.00 -24.79
N ALA B 27 -18.04 -4.19 -25.18
CA ALA B 27 -17.62 -4.63 -26.52
C ALA B 27 -18.13 -6.05 -26.79
N MET B 28 -17.92 -6.98 -25.83
CA MET B 28 -18.34 -8.37 -25.95
C MET B 28 -19.89 -8.52 -25.86
N LYS B 29 -20.57 -7.64 -25.09
CA LYS B 29 -22.04 -7.63 -24.96
C LYS B 29 -22.65 -7.32 -26.35
N ALA B 30 -22.04 -6.37 -27.07
CA ALA B 30 -22.44 -5.96 -28.42
C ALA B 30 -22.27 -7.11 -29.42
N VAL B 31 -21.13 -7.86 -29.34
CA VAL B 31 -20.75 -9.02 -30.18
C VAL B 31 -21.79 -10.15 -29.98
N THR B 32 -22.23 -10.32 -28.73
CA THR B 32 -23.23 -11.32 -28.32
C THR B 32 -24.62 -10.95 -28.86
N GLU B 33 -24.97 -9.65 -28.78
CA GLU B 33 -26.25 -9.11 -29.24
C GLU B 33 -26.40 -9.19 -30.78
N GLN B 34 -25.36 -9.66 -31.51
CA GLN B 34 -25.39 -9.83 -32.97
C GLN B 34 -26.14 -11.12 -33.35
N GLY B 35 -26.49 -11.92 -32.34
CA GLY B 35 -27.26 -13.16 -32.47
C GLY B 35 -26.56 -14.35 -33.09
N HIS B 36 -25.23 -14.32 -33.12
CA HIS B 36 -24.49 -15.45 -33.68
C HIS B 36 -23.72 -16.15 -32.60
N GLU B 37 -23.55 -17.47 -32.76
CA GLU B 37 -22.84 -18.33 -31.82
C GLU B 37 -21.36 -17.91 -31.74
N LEU B 38 -20.92 -17.58 -30.51
CA LEU B 38 -19.56 -17.11 -30.23
C LEU B 38 -18.51 -18.21 -30.41
N SER B 39 -17.34 -17.84 -31.00
CA SER B 39 -16.19 -18.72 -31.17
C SER B 39 -15.54 -18.92 -29.80
N ASN B 40 -14.78 -20.02 -29.60
CA ASN B 40 -14.11 -20.29 -28.33
C ASN B 40 -13.38 -19.06 -27.77
N GLU B 41 -12.69 -18.28 -28.63
CA GLU B 41 -12.00 -17.07 -28.19
C GLU B 41 -12.99 -16.02 -27.70
N GLU B 42 -14.07 -15.74 -28.47
CA GLU B 42 -15.12 -14.76 -28.16
C GLU B 42 -15.79 -15.10 -26.84
N ARG B 43 -16.15 -16.39 -26.64
CA ARG B 43 -16.77 -16.92 -25.42
C ARG B 43 -15.86 -16.65 -24.23
N ASN B 44 -14.54 -16.90 -24.38
CA ASN B 44 -13.54 -16.69 -23.32
C ASN B 44 -13.36 -15.19 -23.00
N LEU B 45 -13.37 -14.32 -24.03
CA LEU B 45 -13.27 -12.86 -23.85
C LEU B 45 -14.49 -12.30 -23.08
N LEU B 46 -15.70 -12.82 -23.36
CA LEU B 46 -16.93 -12.38 -22.71
C LEU B 46 -16.92 -12.79 -21.24
N SER B 47 -16.55 -14.04 -20.98
CA SER B 47 -16.52 -14.67 -19.68
C SER B 47 -15.52 -14.01 -18.74
N VAL B 48 -14.34 -13.58 -19.22
CA VAL B 48 -13.32 -12.95 -18.35
C VAL B 48 -13.74 -11.49 -18.07
N ALA B 49 -14.35 -10.80 -19.07
CA ALA B 49 -14.79 -9.41 -18.96
C ALA B 49 -15.77 -9.27 -17.82
N TYR B 50 -16.82 -10.09 -17.85
CA TYR B 50 -17.87 -10.08 -16.84
C TYR B 50 -17.40 -10.68 -15.51
N LYS B 51 -16.52 -11.72 -15.53
CA LYS B 51 -15.90 -12.29 -14.32
C LYS B 51 -15.29 -11.17 -13.53
N ASN B 52 -14.51 -10.29 -14.22
CA ASN B 52 -13.83 -9.14 -13.65
C ASN B 52 -14.81 -8.01 -13.22
N VAL B 53 -15.78 -7.61 -14.07
CA VAL B 53 -16.75 -6.56 -13.77
C VAL B 53 -17.58 -6.93 -12.51
N VAL B 54 -18.20 -8.13 -12.52
CA VAL B 54 -19.03 -8.65 -11.42
C VAL B 54 -18.16 -8.85 -10.16
N GLY B 55 -16.97 -9.48 -10.34
CA GLY B 55 -16.02 -9.78 -9.27
C GLY B 55 -15.57 -8.56 -8.49
N ALA B 56 -15.41 -7.44 -9.20
CA ALA B 56 -15.03 -6.18 -8.59
C ALA B 56 -16.04 -5.72 -7.55
N ARG B 57 -17.34 -5.86 -7.85
CA ARG B 57 -18.42 -5.47 -6.95
C ARG B 57 -18.65 -6.54 -5.86
N ARG B 58 -18.30 -7.81 -6.16
CA ARG B 58 -18.42 -8.86 -5.16
C ARG B 58 -17.44 -8.59 -4.03
N SER B 59 -16.21 -8.12 -4.37
CA SER B 59 -15.18 -7.78 -3.38
C SER B 59 -15.63 -6.58 -2.56
N SER B 60 -15.89 -5.42 -3.25
CA SER B 60 -16.40 -4.18 -2.67
C SER B 60 -17.58 -4.44 -1.73
N TRP B 61 -18.52 -5.36 -2.11
CA TRP B 61 -19.69 -5.74 -1.30
C TRP B 61 -19.27 -6.42 0.02
N ARG B 62 -18.40 -7.45 -0.06
CA ARG B 62 -17.89 -8.22 1.08
C ARG B 62 -17.12 -7.31 2.03
N VAL B 63 -16.36 -6.36 1.43
CA VAL B 63 -15.54 -5.37 2.10
C VAL B 63 -16.42 -4.45 2.95
N ILE B 64 -17.50 -3.84 2.37
CA ILE B 64 -18.42 -2.93 3.09
C ILE B 64 -19.22 -3.71 4.12
N SER B 65 -19.66 -4.95 3.77
CA SER B 65 -20.43 -5.83 4.67
C SER B 65 -19.65 -6.17 5.95
N SER B 66 -18.33 -6.42 5.84
CA SER B 66 -17.47 -6.70 7.00
C SER B 66 -17.43 -5.48 7.92
N ILE B 67 -17.29 -4.26 7.33
CA ILE B 67 -17.21 -2.98 8.04
C ILE B 67 -18.57 -2.66 8.70
N GLU B 68 -19.69 -3.00 8.02
CA GLU B 68 -21.07 -2.78 8.46
C GLU B 68 -21.34 -3.32 9.85
N GLN B 69 -20.91 -4.56 10.12
CA GLN B 69 -21.12 -5.25 11.39
C GLN B 69 -20.04 -4.92 12.45
N LYS B 70 -18.79 -4.66 12.02
CA LYS B 70 -17.67 -4.33 12.89
C LYS B 70 -17.82 -2.93 13.48
N THR B 71 -18.58 -2.03 12.81
CA THR B 71 -18.74 -0.66 13.31
C THR B 71 -20.23 -0.24 13.46
N GLU B 72 -20.96 -0.87 14.43
CA GLU B 72 -22.34 -0.53 14.79
C GLU B 72 -22.27 0.27 16.11
N ARG B 73 -21.66 1.44 15.97
CA ARG B 73 -21.34 2.42 17.00
C ARG B 73 -22.28 3.64 16.90
N ASN B 74 -22.37 4.25 15.69
CA ASN B 74 -23.20 5.42 15.37
C ASN B 74 -24.32 5.05 14.39
N GLU B 75 -25.53 5.61 14.59
CA GLU B 75 -26.71 5.36 13.77
C GLU B 75 -26.63 6.06 12.39
N LYS B 76 -25.92 7.21 12.29
CA LYS B 76 -25.70 7.93 11.03
C LYS B 76 -24.57 7.27 10.21
N LYS B 77 -23.41 6.97 10.87
CA LYS B 77 -22.25 6.30 10.28
C LYS B 77 -22.64 4.90 9.78
N GLN B 78 -23.58 4.24 10.50
CA GLN B 78 -24.12 2.93 10.13
C GLN B 78 -25.00 3.06 8.91
N GLN B 79 -25.81 4.14 8.88
CA GLN B 79 -26.72 4.45 7.77
C GLN B 79 -25.91 4.70 6.49
N MET B 80 -24.70 5.30 6.62
CA MET B 80 -23.76 5.54 5.50
C MET B 80 -23.33 4.22 4.91
N GLY B 81 -23.11 3.24 5.79
CA GLY B 81 -22.75 1.88 5.45
C GLY B 81 -23.85 1.19 4.67
N LYS B 82 -25.10 1.14 5.24
CA LYS B 82 -26.29 0.52 4.65
C LYS B 82 -26.52 1.02 3.23
N GLU B 83 -26.45 2.36 3.05
CA GLU B 83 -26.63 3.03 1.77
C GLU B 83 -25.58 2.59 0.74
N TYR B 84 -24.29 2.59 1.13
CA TYR B 84 -23.20 2.20 0.25
C TYR B 84 -23.29 0.71 -0.07
N ARG B 85 -23.66 -0.14 0.91
CA ARG B 85 -23.83 -1.58 0.67
C ARG B 85 -24.93 -1.75 -0.36
N GLU B 86 -26.06 -1.03 -0.18
CA GLU B 86 -27.21 -1.06 -1.09
C GLU B 86 -26.86 -0.53 -2.49
N LYS B 87 -26.03 0.53 -2.59
CA LYS B 87 -25.61 1.06 -3.91
C LYS B 87 -24.85 -0.03 -4.72
N ILE B 88 -23.95 -0.77 -4.04
CA ILE B 88 -23.14 -1.86 -4.62
C ILE B 88 -24.05 -3.06 -4.96
N GLU B 89 -25.04 -3.43 -4.09
CA GLU B 89 -26.03 -4.50 -4.36
C GLU B 89 -26.75 -4.22 -5.69
N ALA B 90 -27.10 -2.93 -5.94
CA ALA B 90 -27.75 -2.43 -7.17
C ALA B 90 -26.90 -2.74 -8.39
N GLU B 91 -25.60 -2.38 -8.34
CA GLU B 91 -24.59 -2.61 -9.39
C GLU B 91 -24.43 -4.12 -9.63
N LEU B 92 -24.31 -4.94 -8.55
CA LEU B 92 -24.17 -6.39 -8.62
C LEU B 92 -25.34 -7.02 -9.39
N GLN B 93 -26.58 -6.65 -8.98
CA GLN B 93 -27.83 -7.10 -9.54
C GLN B 93 -27.93 -6.74 -11.00
N ASP B 94 -27.53 -5.53 -11.38
CA ASP B 94 -27.60 -5.06 -12.77
C ASP B 94 -26.58 -5.75 -13.71
N ILE B 95 -25.37 -6.10 -13.18
CA ILE B 95 -24.34 -6.81 -13.94
C ILE B 95 -24.82 -8.23 -14.18
N CYS B 96 -25.39 -8.88 -13.14
CA CYS B 96 -25.91 -10.23 -13.23
C CYS B 96 -27.17 -10.28 -14.06
N ASN B 97 -27.90 -9.15 -14.18
CA ASN B 97 -29.10 -9.11 -15.03
C ASN B 97 -28.67 -9.03 -16.48
N ASP B 98 -27.64 -8.19 -16.77
CA ASP B 98 -27.06 -8.03 -18.10
C ASP B 98 -26.60 -9.38 -18.61
N VAL B 99 -25.85 -10.10 -17.76
CA VAL B 99 -25.25 -11.41 -18.04
C VAL B 99 -26.31 -12.45 -18.29
N LEU B 100 -27.29 -12.60 -17.37
CA LEU B 100 -28.30 -13.67 -17.49
C LEU B 100 -29.22 -13.44 -18.65
N GLU B 101 -29.49 -12.15 -18.98
CA GLU B 101 -30.32 -11.79 -20.13
C GLU B 101 -29.59 -12.18 -21.41
N LEU B 102 -28.24 -12.06 -21.43
CA LEU B 102 -27.46 -12.47 -22.59
C LEU B 102 -27.50 -13.98 -22.74
N LEU B 103 -27.52 -14.72 -21.60
CA LEU B 103 -27.53 -16.18 -21.58
C LEU B 103 -28.85 -16.72 -22.10
N ASP B 104 -29.96 -16.16 -21.59
CA ASP B 104 -31.33 -16.55 -21.96
C ASP B 104 -31.68 -16.19 -23.39
N LYS B 105 -31.42 -14.92 -23.82
CA LYS B 105 -31.78 -14.42 -25.14
C LYS B 105 -30.89 -14.97 -26.29
N TYR B 106 -29.56 -15.00 -26.10
CA TYR B 106 -28.65 -15.38 -27.18
C TYR B 106 -27.79 -16.63 -26.90
N LEU B 107 -26.87 -16.56 -25.91
CA LEU B 107 -25.84 -17.56 -25.60
C LEU B 107 -26.33 -19.00 -25.47
N ILE B 108 -27.29 -19.29 -24.56
CA ILE B 108 -27.81 -20.66 -24.34
C ILE B 108 -28.68 -21.13 -25.54
N PRO B 109 -29.67 -20.37 -26.09
CA PRO B 109 -30.42 -20.88 -27.26
C PRO B 109 -29.52 -21.21 -28.47
N ASN B 110 -28.63 -20.26 -28.87
CA ASN B 110 -27.73 -20.37 -30.02
C ASN B 110 -26.67 -21.48 -29.88
N ALA B 111 -26.12 -21.76 -28.66
CA ALA B 111 -25.10 -22.80 -28.43
C ALA B 111 -25.59 -24.19 -28.87
N THR B 112 -24.83 -24.85 -29.79
CA THR B 112 -25.16 -26.12 -30.43
C THR B 112 -24.26 -27.32 -30.03
N GLN B 113 -22.96 -27.14 -29.79
CA GLN B 113 -22.18 -28.32 -29.37
C GLN B 113 -22.41 -28.56 -27.85
N PRO B 114 -22.14 -29.75 -27.27
CA PRO B 114 -22.42 -29.97 -25.84
C PRO B 114 -21.52 -29.17 -24.90
N GLU B 115 -20.25 -29.03 -25.28
CA GLU B 115 -19.20 -28.27 -24.63
C GLU B 115 -19.66 -26.81 -24.39
N SER B 116 -20.32 -26.23 -25.42
CA SER B 116 -20.89 -24.89 -25.44
C SER B 116 -22.08 -24.82 -24.47
N LYS B 117 -23.10 -25.71 -24.69
CA LYS B 117 -24.33 -25.78 -23.90
C LYS B 117 -24.05 -26.08 -22.40
N VAL B 118 -22.92 -26.71 -22.05
CA VAL B 118 -22.60 -26.90 -20.63
C VAL B 118 -21.96 -25.62 -20.10
N PHE B 119 -20.95 -25.07 -20.81
CA PHE B 119 -20.23 -23.85 -20.40
C PHE B 119 -21.19 -22.73 -19.99
N TYR B 120 -22.20 -22.43 -20.85
CA TYR B 120 -23.15 -21.34 -20.62
C TYR B 120 -24.14 -21.66 -19.51
N LEU B 121 -24.58 -22.92 -19.41
CA LEU B 121 -25.51 -23.34 -18.36
C LEU B 121 -24.81 -23.29 -16.99
N LYS B 122 -23.50 -23.63 -16.93
CA LYS B 122 -22.69 -23.48 -15.71
C LYS B 122 -22.62 -21.99 -15.35
N MET B 123 -22.34 -21.12 -16.35
CA MET B 123 -22.24 -19.66 -16.18
C MET B 123 -23.57 -19.07 -15.67
N LYS B 124 -24.71 -19.57 -16.20
CA LYS B 124 -26.05 -19.17 -15.79
C LYS B 124 -26.23 -19.42 -14.28
N GLY B 125 -25.70 -20.55 -13.80
CA GLY B 125 -25.70 -20.94 -12.40
C GLY B 125 -24.81 -20.04 -11.57
N ASP B 126 -23.64 -19.66 -12.12
CA ASP B 126 -22.69 -18.78 -11.44
C ASP B 126 -23.27 -17.42 -11.15
N TYR B 127 -23.87 -16.77 -12.17
CA TYR B 127 -24.38 -15.42 -12.03
C TYR B 127 -25.66 -15.42 -11.18
N PHE B 128 -26.36 -16.56 -11.07
CA PHE B 128 -27.50 -16.65 -10.15
C PHE B 128 -27.00 -16.77 -8.72
N ARG B 129 -25.90 -17.50 -8.53
CA ARG B 129 -25.24 -17.68 -7.23
C ARG B 129 -24.79 -16.33 -6.70
N TYR B 130 -24.18 -15.48 -7.58
CA TYR B 130 -23.71 -14.13 -7.21
C TYR B 130 -24.91 -13.28 -6.75
N LEU B 131 -26.08 -13.44 -7.43
CA LEU B 131 -27.32 -12.76 -7.05
C LEU B 131 -27.77 -13.25 -5.69
N SER B 132 -27.63 -14.56 -5.41
CA SER B 132 -28.05 -15.21 -4.17
C SER B 132 -27.32 -14.70 -2.97
N GLU B 133 -26.02 -14.37 -3.16
CA GLU B 133 -25.13 -13.90 -2.09
C GLU B 133 -25.64 -12.60 -1.43
N VAL B 134 -26.25 -11.72 -2.21
CA VAL B 134 -26.75 -10.43 -1.74
C VAL B 134 -28.28 -10.41 -1.56
N ALA B 135 -29.01 -11.33 -2.25
CA ALA B 135 -30.48 -11.47 -2.27
C ALA B 135 -31.08 -11.76 -0.90
N SER B 136 -32.33 -11.30 -0.70
CA SER B 136 -33.03 -11.39 0.58
C SER B 136 -34.45 -12.00 0.50
N GLY B 137 -34.68 -12.97 1.40
CA GLY B 137 -35.94 -13.67 1.57
C GLY B 137 -36.51 -14.40 0.37
N ASP B 138 -37.66 -13.91 -0.12
CA ASP B 138 -38.44 -14.45 -1.23
C ASP B 138 -37.69 -14.35 -2.55
N ASN B 139 -36.93 -13.26 -2.74
CA ASN B 139 -36.10 -13.06 -3.91
C ASN B 139 -34.90 -14.02 -3.86
N LYS B 140 -34.31 -14.26 -2.64
CA LYS B 140 -33.18 -15.18 -2.41
C LYS B 140 -33.62 -16.58 -2.74
N GLN B 141 -34.85 -16.95 -2.30
CA GLN B 141 -35.43 -18.25 -2.59
C GLN B 141 -35.44 -18.49 -4.09
N THR B 142 -35.89 -17.48 -4.87
CA THR B 142 -35.96 -17.50 -6.34
C THR B 142 -34.59 -17.63 -6.99
N THR B 143 -33.59 -16.82 -6.55
CA THR B 143 -32.23 -16.86 -7.14
C THR B 143 -31.48 -18.13 -6.73
N VAL B 144 -31.79 -18.75 -5.57
CA VAL B 144 -31.11 -19.98 -5.17
C VAL B 144 -31.66 -21.14 -6.02
N SER B 145 -33.00 -21.18 -6.18
CA SER B 145 -33.72 -22.17 -6.98
C SER B 145 -33.22 -22.20 -8.42
N ASN B 146 -32.94 -21.00 -8.96
CA ASN B 146 -32.50 -20.83 -10.33
C ASN B 146 -31.06 -21.21 -10.51
N SER B 147 -30.22 -20.95 -9.51
CA SER B 147 -28.80 -21.30 -9.53
C SER B 147 -28.64 -22.82 -9.57
N GLN B 148 -29.37 -23.54 -8.68
CA GLN B 148 -29.36 -25.01 -8.56
C GLN B 148 -29.82 -25.66 -9.86
N GLN B 149 -30.93 -25.16 -10.46
CA GLN B 149 -31.53 -25.66 -11.72
C GLN B 149 -30.54 -25.56 -12.91
N ALA B 150 -29.93 -24.38 -13.11
CA ALA B 150 -28.96 -24.14 -14.18
C ALA B 150 -27.75 -25.03 -14.04
N TYR B 151 -27.25 -25.21 -12.81
CA TYR B 151 -26.11 -26.07 -12.54
C TYR B 151 -26.49 -27.54 -12.83
N GLN B 152 -27.63 -28.00 -12.26
CA GLN B 152 -28.13 -29.36 -12.43
C GLN B 152 -28.35 -29.70 -13.90
N GLU B 153 -28.97 -28.77 -14.70
CA GLU B 153 -29.22 -29.01 -16.13
C GLU B 153 -27.91 -29.26 -16.87
N ALA B 154 -26.89 -28.41 -16.62
CA ALA B 154 -25.56 -28.52 -17.21
C ALA B 154 -24.86 -29.80 -16.77
N PHE B 155 -25.07 -30.18 -15.51
CA PHE B 155 -24.45 -31.35 -14.91
C PHE B 155 -24.88 -32.66 -15.59
N GLU B 156 -26.17 -32.81 -15.88
CA GLU B 156 -26.70 -34.01 -16.55
C GLU B 156 -26.10 -34.14 -17.95
N ILE B 157 -26.00 -33.02 -18.67
CA ILE B 157 -25.45 -32.94 -20.03
C ILE B 157 -23.94 -33.28 -19.99
N SER B 158 -23.19 -32.76 -18.98
CA SER B 158 -21.74 -33.00 -18.83
C SER B 158 -21.45 -34.48 -18.58
N LYS B 159 -22.34 -35.17 -17.85
CA LYS B 159 -22.20 -36.59 -17.56
C LYS B 159 -22.43 -37.44 -18.84
N LYS B 160 -23.49 -37.12 -19.62
CA LYS B 160 -23.83 -37.83 -20.86
C LYS B 160 -22.79 -37.61 -21.98
N GLU B 161 -22.63 -36.35 -22.45
CA GLU B 161 -21.80 -35.98 -23.59
C GLU B 161 -20.38 -35.45 -23.29
N MET B 162 -19.78 -35.78 -22.12
CA MET B 162 -18.44 -35.25 -21.86
C MET B 162 -17.57 -36.16 -21.00
N GLN B 163 -16.24 -36.04 -21.18
CA GLN B 163 -15.24 -36.82 -20.47
C GLN B 163 -15.13 -36.38 -19.02
N PRO B 164 -14.91 -37.33 -18.06
CA PRO B 164 -14.80 -36.94 -16.64
C PRO B 164 -13.60 -36.01 -16.33
N THR B 165 -12.66 -35.88 -17.30
CA THR B 165 -11.44 -35.07 -17.25
C THR B 165 -11.53 -33.78 -18.08
N HIS B 166 -12.70 -33.47 -18.64
CA HIS B 166 -12.87 -32.24 -19.42
C HIS B 166 -12.75 -31.02 -18.50
N PRO B 167 -11.92 -29.99 -18.83
CA PRO B 167 -11.80 -28.82 -17.93
C PRO B 167 -13.16 -28.17 -17.66
N ILE B 168 -14.10 -28.20 -18.64
CA ILE B 168 -15.44 -27.62 -18.47
C ILE B 168 -16.26 -28.45 -17.44
N ARG B 169 -16.33 -29.82 -17.60
CA ARG B 169 -17.06 -30.70 -16.66
C ARG B 169 -16.52 -30.56 -15.23
N LEU B 170 -15.18 -30.54 -15.08
CA LEU B 170 -14.49 -30.40 -13.80
C LEU B 170 -14.79 -29.03 -13.19
N GLY B 171 -14.81 -28.00 -14.06
CA GLY B 171 -15.07 -26.61 -13.72
C GLY B 171 -16.43 -26.37 -13.10
N LEU B 172 -17.45 -27.03 -13.67
CA LEU B 172 -18.85 -27.00 -13.21
C LEU B 172 -18.99 -27.72 -11.87
N ALA B 173 -18.31 -28.89 -11.76
CA ALA B 173 -18.25 -29.72 -10.56
C ALA B 173 -17.62 -28.94 -9.42
N LEU B 174 -16.65 -28.09 -9.75
CA LEU B 174 -15.96 -27.22 -8.82
C LEU B 174 -16.93 -26.17 -8.24
N ASN B 175 -17.61 -25.41 -9.12
CA ASN B 175 -18.54 -24.35 -8.75
C ASN B 175 -19.84 -24.84 -8.09
N PHE B 176 -20.41 -25.99 -8.54
CA PHE B 176 -21.65 -26.57 -7.98
C PHE B 176 -21.42 -27.05 -6.52
N SER B 177 -20.29 -27.74 -6.26
CA SER B 177 -19.94 -28.18 -4.91
C SER B 177 -19.75 -26.95 -4.01
N VAL B 178 -19.23 -25.80 -4.58
CA VAL B 178 -19.06 -24.53 -3.87
C VAL B 178 -20.45 -23.87 -3.68
N PHE B 179 -21.39 -24.11 -4.62
CA PHE B 179 -22.75 -23.61 -4.48
C PHE B 179 -23.39 -24.29 -3.25
N TYR B 180 -23.28 -25.64 -3.13
CA TYR B 180 -23.85 -26.36 -1.99
C TYR B 180 -23.22 -25.95 -0.66
N TYR B 181 -21.89 -25.78 -0.61
CA TYR B 181 -21.17 -25.44 0.61
C TYR B 181 -21.40 -24.01 1.08
N GLU B 182 -21.40 -23.04 0.15
CA GLU B 182 -21.53 -21.62 0.46
C GLU B 182 -22.98 -21.15 0.56
N ILE B 183 -23.78 -21.42 -0.50
CA ILE B 183 -25.16 -20.94 -0.65
C ILE B 183 -26.19 -21.81 0.10
N LEU B 184 -26.21 -23.13 -0.14
CA LEU B 184 -27.16 -24.01 0.51
C LEU B 184 -26.68 -24.46 1.89
N ASN B 185 -25.41 -24.14 2.23
CA ASN B 185 -24.73 -24.45 3.49
C ASN B 185 -24.91 -25.94 3.85
N SER B 186 -24.63 -26.81 2.87
CA SER B 186 -24.66 -28.25 3.01
C SER B 186 -23.29 -28.82 2.65
N PRO B 187 -22.39 -28.97 3.65
CA PRO B 187 -21.06 -29.53 3.35
C PRO B 187 -21.15 -30.98 2.89
N GLU B 188 -22.16 -31.72 3.40
CA GLU B 188 -22.44 -33.11 3.04
C GLU B 188 -22.70 -33.20 1.54
N LYS B 189 -23.59 -32.33 1.01
CA LYS B 189 -23.95 -32.25 -0.41
C LYS B 189 -22.76 -31.81 -1.24
N ALA B 190 -21.95 -30.88 -0.70
CA ALA B 190 -20.76 -30.30 -1.34
C ALA B 190 -19.64 -31.34 -1.53
N CYS B 191 -19.25 -32.05 -0.46
CA CYS B 191 -18.20 -33.05 -0.51
C CYS B 191 -18.61 -34.26 -1.36
N SER B 192 -19.91 -34.67 -1.30
CA SER B 192 -20.46 -35.78 -2.10
C SER B 192 -20.27 -35.54 -3.60
N LEU B 193 -20.53 -34.29 -4.08
CA LEU B 193 -20.40 -33.86 -5.46
C LEU B 193 -18.91 -33.76 -5.88
N ALA B 194 -18.08 -33.14 -5.04
CA ALA B 194 -16.66 -32.94 -5.26
C ALA B 194 -15.89 -34.26 -5.29
N LYS B 195 -16.29 -35.23 -4.43
CA LYS B 195 -15.70 -36.57 -4.35
C LYS B 195 -15.92 -37.29 -5.68
N THR B 196 -17.19 -37.47 -6.10
CA THR B 196 -17.65 -38.12 -7.34
C THR B 196 -16.91 -37.56 -8.56
N ALA B 197 -16.90 -36.22 -8.72
CA ALA B 197 -16.26 -35.52 -9.84
C ALA B 197 -14.76 -35.78 -9.92
N PHE B 198 -14.13 -35.92 -8.76
CA PHE B 198 -12.71 -36.17 -8.63
C PHE B 198 -12.39 -37.64 -8.85
N ASP B 199 -13.06 -38.55 -8.12
CA ASP B 199 -12.86 -39.98 -8.19
C ASP B 199 -13.17 -40.55 -9.61
N GLU B 200 -14.06 -39.88 -10.40
CA GLU B 200 -14.37 -40.25 -11.79
C GLU B 200 -13.25 -39.76 -12.70
N ALA B 201 -12.62 -38.61 -12.35
CA ALA B 201 -11.53 -37.98 -13.08
C ALA B 201 -10.17 -38.68 -12.83
N ILE B 202 -9.90 -39.18 -11.58
CA ILE B 202 -8.66 -39.92 -11.25
C ILE B 202 -8.71 -41.30 -11.90
N ALA B 203 -9.91 -41.88 -11.98
CA ALA B 203 -10.16 -43.20 -12.56
C ALA B 203 -9.90 -43.23 -14.07
N GLU B 204 -10.16 -42.10 -14.79
CA GLU B 204 -9.98 -42.06 -16.26
C GLU B 204 -9.05 -40.93 -16.75
N LEU B 205 -7.87 -40.77 -16.14
CA LEU B 205 -6.91 -39.75 -16.59
C LEU B 205 -5.84 -40.41 -17.47
N ASP B 206 -5.79 -41.80 -17.50
CA ASP B 206 -4.82 -42.63 -18.25
C ASP B 206 -4.67 -42.18 -19.72
N THR B 207 -5.74 -41.51 -20.25
CA THR B 207 -5.89 -40.87 -21.55
C THR B 207 -5.42 -39.40 -21.39
N LEU B 208 -4.08 -39.16 -21.33
CA LEU B 208 -3.52 -37.81 -21.19
C LEU B 208 -3.72 -37.09 -22.53
N ASN B 209 -4.53 -36.01 -22.52
CA ASN B 209 -4.94 -35.21 -23.70
C ASN B 209 -3.76 -34.39 -24.30
N GLU B 210 -2.65 -35.10 -24.63
CA GLU B 210 -1.38 -34.68 -25.26
C GLU B 210 -0.64 -33.57 -24.47
N GLU B 211 -1.26 -32.39 -24.29
CA GLU B 211 -0.70 -31.26 -23.55
C GLU B 211 -1.76 -30.61 -22.67
N SER B 212 -3.06 -30.94 -22.89
CA SER B 212 -4.21 -30.45 -22.13
C SER B 212 -4.33 -31.13 -20.74
N TYR B 213 -3.31 -31.96 -20.36
CA TYR B 213 -3.29 -32.63 -19.05
C TYR B 213 -2.48 -31.76 -18.05
N LYS B 214 -2.72 -30.43 -18.13
CA LYS B 214 -2.22 -29.37 -17.25
C LYS B 214 -3.41 -28.50 -16.84
N ASP B 215 -4.35 -28.28 -17.81
CA ASP B 215 -5.61 -27.55 -17.63
C ASP B 215 -6.48 -28.27 -16.59
N SER B 216 -6.66 -29.60 -16.80
CA SER B 216 -7.48 -30.49 -15.98
C SER B 216 -6.84 -30.73 -14.60
N THR B 217 -5.50 -31.01 -14.55
CA THR B 217 -4.75 -31.25 -13.31
C THR B 217 -4.88 -30.07 -12.33
N LEU B 218 -4.87 -28.83 -12.87
CA LEU B 218 -5.04 -27.61 -12.08
C LEU B 218 -6.42 -27.57 -11.39
N ILE B 219 -7.51 -27.78 -12.17
CA ILE B 219 -8.88 -27.75 -11.66
C ILE B 219 -9.11 -28.94 -10.72
N MET B 220 -8.46 -30.09 -11.01
CA MET B 220 -8.53 -31.28 -10.17
C MET B 220 -7.92 -31.06 -8.82
N GLN B 221 -6.87 -30.22 -8.74
CA GLN B 221 -6.23 -29.84 -7.50
C GLN B 221 -7.22 -29.07 -6.62
N LEU B 222 -7.81 -27.96 -7.15
CA LEU B 222 -8.77 -27.07 -6.48
C LEU B 222 -9.93 -27.83 -5.85
N LEU B 223 -10.38 -28.93 -6.51
CA LEU B 223 -11.45 -29.81 -6.05
C LEU B 223 -10.96 -30.65 -4.89
N ARG B 224 -9.83 -31.36 -5.07
CA ARG B 224 -9.19 -32.18 -4.04
C ARG B 224 -8.81 -31.35 -2.80
N ASP B 225 -8.34 -30.10 -3.01
CA ASP B 225 -7.90 -29.17 -1.96
C ASP B 225 -9.07 -28.63 -1.12
N ASN B 226 -10.23 -28.34 -1.75
CA ASN B 226 -11.42 -27.88 -1.03
C ASN B 226 -11.93 -29.01 -0.11
N LEU B 227 -11.97 -30.25 -0.65
CA LEU B 227 -12.42 -31.48 0.00
C LEU B 227 -11.69 -31.74 1.31
N THR B 228 -10.33 -31.79 1.26
CA THR B 228 -9.44 -32.03 2.41
C THR B 228 -9.56 -30.88 3.45
N LEU B 229 -9.96 -29.65 3.01
CA LEU B 229 -10.15 -28.50 3.87
C LEU B 229 -11.50 -28.59 4.61
N TRP B 230 -12.57 -29.03 3.90
CA TRP B 230 -13.90 -29.16 4.47
C TRP B 230 -13.95 -30.27 5.52
N THR B 231 -13.25 -31.41 5.30
CA THR B 231 -13.18 -32.46 6.30
C THR B 231 -12.05 -32.05 7.29
N SER B 232 -12.36 -31.08 8.17
CA SER B 232 -11.48 -30.49 9.19
C SER B 232 -11.71 -31.15 10.54
N GLY C 23 16.01 -4.46 49.74
CA GLY C 23 16.67 -5.65 50.25
C GLY C 23 17.75 -6.15 49.30
N ALA C 24 17.35 -6.34 48.03
CA ALA C 24 18.21 -6.70 46.90
C ALA C 24 18.80 -5.42 46.37
N ASP C 25 17.97 -4.34 46.40
CA ASP C 25 18.31 -2.97 46.04
C ASP C 25 19.26 -2.39 47.07
N LYS C 26 19.02 -2.74 48.37
CA LYS C 26 19.83 -2.37 49.53
C LYS C 26 21.18 -3.05 49.42
N ALA C 27 21.20 -4.33 48.99
CA ALA C 27 22.42 -5.13 48.78
C ALA C 27 23.31 -4.51 47.68
N LEU C 28 22.68 -4.13 46.53
CA LEU C 28 23.33 -3.51 45.39
C LEU C 28 23.74 -2.09 45.73
N ALA C 29 22.90 -1.34 46.48
CA ALA C 29 23.24 0.01 46.94
C ALA C 29 24.43 -0.05 47.89
N ASP C 30 24.43 -1.01 48.84
CA ASP C 30 25.50 -1.25 49.82
C ASP C 30 26.77 -1.66 49.13
N GLY C 31 26.64 -2.41 48.04
CA GLY C 31 27.77 -2.89 47.23
C GLY C 31 28.51 -1.80 46.49
N LEU C 32 27.75 -0.95 45.74
CA LEU C 32 28.24 0.19 44.96
C LEU C 32 28.96 1.19 45.82
N VAL C 33 28.47 1.45 47.06
CA VAL C 33 29.11 2.40 47.96
C VAL C 33 30.38 1.78 48.58
N LYS C 34 30.30 0.52 49.04
CA LYS C 34 31.42 -0.22 49.63
C LYS C 34 32.63 -0.24 48.68
N ARG C 35 32.36 -0.29 47.36
CA ARG C 35 33.36 -0.36 46.31
C ARG C 35 33.59 1.00 45.57
N PHE C 36 32.74 2.03 45.75
CA PHE C 36 33.02 3.27 45.02
C PHE C 36 33.05 4.52 45.87
N GLY C 37 32.64 4.40 47.12
CA GLY C 37 32.63 5.50 48.07
C GLY C 37 31.84 6.68 47.60
N ALA C 38 32.30 7.89 47.98
CA ALA C 38 31.69 9.20 47.66
C ALA C 38 31.42 9.42 46.18
N ASP C 39 32.24 8.79 45.28
CA ASP C 39 32.13 8.81 43.82
C ASP C 39 30.75 8.29 43.34
N ALA C 40 30.16 7.36 44.15
CA ALA C 40 28.85 6.74 43.98
C ALA C 40 27.84 7.46 44.88
N GLU C 41 28.25 7.71 46.14
CA GLU C 41 27.46 8.35 47.17
C GLU C 41 27.03 9.77 46.78
N LYS C 42 27.75 10.45 45.84
CA LYS C 42 27.40 11.83 45.43
C LYS C 42 26.09 11.92 44.58
N TYR C 43 25.63 10.78 44.06
CA TYR C 43 24.42 10.75 43.24
C TYR C 43 23.20 10.34 44.02
N LEU C 44 23.29 10.16 45.34
CA LEU C 44 22.12 9.75 46.12
C LEU C 44 21.13 10.88 46.28
N GLY C 45 19.91 10.63 45.82
CA GLY C 45 18.80 11.57 45.88
C GLY C 45 18.77 12.60 44.77
N ARG C 46 19.30 12.25 43.57
CA ARG C 46 19.33 13.14 42.40
C ARG C 46 18.01 13.10 41.64
N GLN C 47 17.19 12.06 41.86
CA GLN C 47 15.86 11.96 41.27
C GLN C 47 14.88 11.93 42.43
N PRO C 48 14.49 13.12 43.00
CA PRO C 48 13.54 13.12 44.13
C PRO C 48 12.13 12.67 43.72
N GLY C 49 11.91 12.52 42.40
CA GLY C 49 10.71 11.93 41.82
C GLY C 49 10.72 10.50 42.31
N GLY C 50 11.72 9.74 41.85
CA GLY C 50 12.04 8.40 42.35
C GLY C 50 11.41 7.17 41.73
N ILE C 51 11.50 7.03 40.40
CA ILE C 51 11.01 5.82 39.72
C ILE C 51 11.99 4.70 40.04
N HIS C 52 13.28 5.06 40.06
CA HIS C 52 14.41 4.19 40.30
C HIS C 52 14.86 4.22 41.74
N SER C 53 15.47 3.10 42.17
CA SER C 53 16.02 2.88 43.49
C SER C 53 17.29 3.69 43.70
N ASP C 54 17.87 3.63 44.91
CA ASP C 54 19.10 4.30 45.24
C ASP C 54 20.24 3.62 44.57
N ALA C 55 20.19 2.29 44.48
CA ALA C 55 21.20 1.50 43.79
C ALA C 55 21.18 1.78 42.29
N GLU C 56 19.96 2.01 41.74
CA GLU C 56 19.74 2.28 40.32
C GLU C 56 20.16 3.71 39.95
N VAL C 57 19.82 4.74 40.78
CA VAL C 57 20.21 6.12 40.53
C VAL C 57 21.72 6.19 40.53
N MET C 58 22.37 5.68 41.58
CA MET C 58 23.82 5.69 41.72
C MET C 58 24.55 5.07 40.54
N ALA C 59 24.15 3.84 40.10
CA ALA C 59 24.79 3.12 38.99
C ALA C 59 24.79 3.97 37.73
N LEU C 60 23.61 4.52 37.35
CA LEU C 60 23.37 5.39 36.18
C LEU C 60 24.23 6.65 36.22
N GLY C 61 24.36 7.27 37.39
CA GLY C 61 25.19 8.45 37.57
C GLY C 61 26.67 8.12 37.44
N LEU C 62 27.11 7.00 38.07
CA LEU C 62 28.50 6.53 38.03
C LEU C 62 28.90 6.32 36.60
N TYR C 63 27.98 5.73 35.83
CA TYR C 63 28.09 5.46 34.41
C TYR C 63 28.22 6.79 33.64
N THR C 64 27.13 7.61 33.60
CA THR C 64 26.99 8.88 32.87
C THR C 64 28.21 9.78 33.08
N GLY C 65 28.75 9.78 34.30
CA GLY C 65 29.94 10.53 34.68
C GLY C 65 31.22 10.14 33.97
N ILE C 66 31.83 8.99 34.36
CA ILE C 66 33.11 8.59 33.75
C ILE C 66 33.20 7.13 33.34
N HIS C 67 32.49 6.25 34.04
CA HIS C 67 32.58 4.80 33.81
C HIS C 67 32.05 4.31 32.45
N TYR C 68 31.35 5.17 31.69
CA TYR C 68 30.80 4.83 30.37
C TYR C 68 31.91 4.42 29.41
N ALA C 69 33.13 4.95 29.65
CA ALA C 69 34.33 4.65 28.88
C ALA C 69 34.64 3.15 28.98
N ASP C 70 35.25 2.75 30.10
CA ASP C 70 35.69 1.41 30.47
C ASP C 70 34.59 0.37 30.41
N LEU C 71 33.36 0.72 30.84
CA LEU C 71 32.28 -0.28 30.89
C LEU C 71 31.93 -0.74 29.47
N ASN C 72 31.65 0.20 28.55
CA ASN C 72 31.28 -0.14 27.18
C ASN C 72 32.46 -0.75 26.44
N ARG C 73 33.70 -0.40 26.85
CA ARG C 73 34.96 -0.96 26.34
C ARG C 73 34.97 -2.48 26.60
N ALA C 74 34.64 -2.90 27.85
CA ALA C 74 34.61 -4.30 28.27
C ALA C 74 33.45 -5.10 27.65
N LEU C 75 32.25 -4.48 27.56
CA LEU C 75 31.03 -5.09 27.01
C LEU C 75 31.20 -5.35 25.51
N ARG C 76 31.72 -4.34 24.76
CA ARG C 76 31.93 -4.43 23.30
C ARG C 76 32.99 -5.47 22.98
N GLN C 77 34.12 -5.43 23.70
CA GLN C 77 35.24 -6.33 23.51
C GLN C 77 34.97 -7.75 24.06
N GLY C 78 33.85 -7.93 24.75
CA GLY C 78 33.42 -9.21 25.29
C GLY C 78 34.30 -9.84 26.36
N GLN C 79 35.05 -9.00 27.07
CA GLN C 79 35.91 -9.48 28.14
C GLN C 79 35.12 -9.59 29.47
N GLU C 80 35.75 -10.22 30.48
CA GLU C 80 35.21 -10.41 31.81
C GLU C 80 35.11 -9.05 32.53
N LEU C 81 33.93 -8.74 33.09
CA LEU C 81 33.75 -7.50 33.83
C LEU C 81 34.42 -7.60 35.18
N ASP C 82 34.91 -6.48 35.73
CA ASP C 82 35.52 -6.51 37.06
C ASP C 82 34.43 -6.35 38.12
N ALA C 83 34.76 -6.58 39.41
CA ALA C 83 33.86 -6.52 40.56
C ALA C 83 33.02 -5.22 40.65
N GLY C 84 33.66 -4.07 40.34
CA GLY C 84 33.05 -2.73 40.34
C GLY C 84 32.12 -2.51 39.17
N GLN C 85 32.64 -2.81 37.93
CA GLN C 85 31.93 -2.74 36.65
C GLN C 85 30.65 -3.54 36.74
N LYS C 86 30.74 -4.79 37.21
CA LYS C 86 29.63 -5.73 37.42
C LYS C 86 28.44 -5.11 38.19
N LEU C 87 28.71 -4.31 39.23
CA LEU C 87 27.64 -3.69 40.01
C LEU C 87 26.93 -2.58 39.19
N ILE C 88 27.72 -1.69 38.51
CA ILE C 88 27.24 -0.58 37.67
C ILE C 88 26.32 -1.14 36.57
N ASP C 89 26.69 -2.29 35.99
CA ASP C 89 25.96 -3.02 34.95
C ASP C 89 24.63 -3.56 35.46
N GLN C 90 24.66 -4.43 36.50
CA GLN C 90 23.46 -5.05 37.07
C GLN C 90 22.53 -3.98 37.67
N GLY C 91 23.12 -2.84 38.11
CA GLY C 91 22.43 -1.67 38.63
C GLY C 91 21.74 -0.85 37.55
N MET C 92 22.30 -0.86 36.33
CA MET C 92 21.70 -0.17 35.19
C MET C 92 20.62 -1.03 34.57
N SER C 93 20.86 -2.37 34.48
CA SER C 93 19.88 -3.32 33.94
C SER C 93 18.60 -3.24 34.75
N ALA C 94 18.74 -3.17 36.09
CA ALA C 94 17.65 -3.04 37.05
C ALA C 94 16.77 -1.85 36.72
N ALA C 95 17.40 -0.74 36.32
CA ALA C 95 16.74 0.51 35.96
C ALA C 95 15.97 0.39 34.66
N PHE C 96 16.51 -0.31 33.66
CA PHE C 96 15.82 -0.43 32.38
C PHE C 96 14.53 -1.26 32.47
N GLU C 97 14.46 -2.24 33.43
CA GLU C 97 13.29 -3.10 33.68
C GLU C 97 12.13 -2.24 34.18
N LYS C 98 12.34 -1.61 35.36
CA LYS C 98 11.45 -0.68 36.04
C LYS C 98 10.83 0.33 35.05
N SER C 99 11.67 0.93 34.17
CA SER C 99 11.30 1.93 33.19
C SER C 99 10.37 1.40 32.11
N GLY C 100 10.94 0.69 31.12
CA GLY C 100 10.19 0.16 29.98
C GLY C 100 9.82 1.23 28.95
N GLN C 101 9.01 0.84 27.96
CA GLN C 101 8.54 1.70 26.86
C GLN C 101 7.68 2.87 27.40
N ALA C 102 8.17 4.12 27.24
CA ALA C 102 7.51 5.35 27.69
C ALA C 102 6.26 5.73 26.85
N GLU C 103 5.85 7.02 26.91
CA GLU C 103 4.67 7.54 26.22
C GLU C 103 4.92 8.05 24.77
N GLN C 104 5.80 9.09 24.60
CA GLN C 104 6.11 9.72 23.31
C GLN C 104 7.50 9.30 22.74
N VAL C 105 7.65 9.40 21.41
CA VAL C 105 8.90 9.09 20.71
C VAL C 105 9.90 10.24 21.03
N VAL C 106 11.17 9.85 21.28
CA VAL C 106 12.29 10.70 21.68
C VAL C 106 13.40 10.70 20.65
N LYS C 107 13.57 11.87 20.01
CA LYS C 107 14.60 12.20 19.02
C LYS C 107 15.85 12.62 19.78
N THR C 108 16.89 11.75 19.78
CA THR C 108 18.17 11.93 20.48
C THR C 108 19.32 11.69 19.52
N PHE C 109 20.49 12.26 19.79
CA PHE C 109 21.60 12.16 18.87
C PHE C 109 22.85 11.62 19.53
N ARG C 110 23.57 10.79 18.78
CA ARG C 110 24.76 10.11 19.23
C ARG C 110 25.82 10.11 18.12
N GLY C 111 26.99 10.68 18.40
CA GLY C 111 28.10 10.73 17.45
C GLY C 111 29.31 9.94 17.88
N THR C 112 30.04 9.34 16.92
CA THR C 112 31.27 8.57 17.17
C THR C 112 32.45 9.10 16.37
N ARG C 113 33.67 8.84 16.86
CA ARG C 113 34.95 9.26 16.26
C ARG C 113 35.17 8.57 14.91
N GLY C 114 34.98 7.25 14.92
CA GLY C 114 35.10 6.37 13.77
C GLY C 114 33.84 5.54 13.61
N GLY C 115 34.01 4.24 13.46
CA GLY C 115 32.91 3.30 13.27
C GLY C 115 32.05 3.02 14.49
N ASP C 116 30.78 2.66 14.23
CA ASP C 116 29.75 2.29 15.19
C ASP C 116 29.35 0.83 14.91
N ALA C 117 28.81 0.07 15.90
CA ALA C 117 28.39 -1.33 15.72
C ALA C 117 27.30 -1.51 14.60
N PHE C 118 26.66 -0.42 14.20
CA PHE C 118 25.62 -0.38 13.19
C PHE C 118 26.21 -0.25 11.79
N ASN C 119 27.55 -0.34 11.68
CA ASN C 119 28.19 -0.21 10.38
C ASN C 119 27.92 -1.41 9.46
N ALA C 120 27.87 -2.62 10.04
CA ALA C 120 27.60 -3.84 9.28
C ALA C 120 26.09 -4.07 9.07
N VAL C 121 25.22 -3.37 9.87
CA VAL C 121 23.75 -3.48 9.77
C VAL C 121 23.32 -2.80 8.47
N GLU C 122 22.80 -3.57 7.51
CA GLU C 122 22.34 -2.99 6.26
C GLU C 122 21.00 -2.28 6.46
N GLU C 123 20.77 -1.21 5.68
CA GLU C 123 19.58 -0.35 5.69
C GLU C 123 18.32 -1.21 5.59
N GLY C 124 17.41 -0.99 6.52
CA GLY C 124 16.17 -1.75 6.64
C GLY C 124 16.25 -2.82 7.70
N LYS C 125 17.41 -3.47 7.81
CA LYS C 125 17.65 -4.53 8.78
C LYS C 125 17.98 -3.95 10.18
N VAL C 126 17.99 -4.83 11.19
CA VAL C 126 18.21 -4.47 12.59
C VAL C 126 19.54 -5.04 13.13
N GLY C 127 20.04 -4.43 14.22
CA GLY C 127 21.28 -4.77 14.91
C GLY C 127 21.41 -4.03 16.23
N HIS C 128 22.49 -4.29 17.02
CA HIS C 128 22.63 -3.61 18.33
C HIS C 128 24.08 -3.31 18.73
N ASP C 129 24.27 -2.26 19.58
CA ASP C 129 25.59 -1.96 20.15
C ASP C 129 25.68 -2.80 21.42
N ASP C 130 26.72 -3.65 21.55
CA ASP C 130 26.87 -4.59 22.67
C ASP C 130 26.96 -3.89 24.04
N GLY C 131 27.39 -2.64 24.05
CA GLY C 131 27.43 -1.83 25.25
C GLY C 131 26.19 -0.95 25.36
N TYR C 132 26.09 -0.14 26.42
CA TYR C 132 24.96 0.75 26.58
C TYR C 132 25.09 1.87 25.54
N LEU C 133 23.97 2.38 25.07
CA LEU C 133 23.94 3.43 24.05
C LEU C 133 23.67 4.80 24.67
N SER C 134 24.72 5.54 25.08
CA SER C 134 24.48 6.88 25.64
C SER C 134 24.22 7.84 24.45
N THR C 135 23.07 8.54 24.42
CA THR C 135 22.70 9.49 23.35
C THR C 135 22.30 10.83 24.01
N SER C 136 22.37 11.96 23.29
CA SER C 136 22.07 13.30 23.82
C SER C 136 20.79 13.92 23.27
N LEU C 137 20.26 14.95 23.93
CA LEU C 137 19.12 15.68 23.37
C LEU C 137 19.60 16.80 22.48
N ASN C 138 20.82 17.31 22.77
CA ASN C 138 21.50 18.37 22.03
C ASN C 138 22.14 17.82 20.77
N PRO C 139 21.84 18.36 19.56
CA PRO C 139 22.51 17.84 18.37
C PRO C 139 23.97 18.27 18.34
N GLY C 140 24.28 19.37 19.04
CA GLY C 140 25.63 19.91 19.15
C GLY C 140 26.58 19.13 20.04
N VAL C 141 26.08 18.58 21.17
CA VAL C 141 26.92 17.84 22.12
C VAL C 141 27.16 16.39 21.58
N ALA C 142 26.34 15.92 20.61
CA ALA C 142 26.51 14.61 19.94
C ALA C 142 27.68 14.72 18.95
N ARG C 143 27.83 15.90 18.32
CA ARG C 143 28.91 16.27 17.40
C ARG C 143 30.24 16.27 18.17
N SER C 144 30.20 16.80 19.41
CA SER C 144 31.31 16.89 20.35
C SER C 144 32.01 15.54 20.56
N PHE C 145 31.30 14.44 20.31
CA PHE C 145 31.82 13.09 20.52
C PHE C 145 32.41 12.44 19.26
N GLY C 146 32.40 13.17 18.14
CA GLY C 146 33.00 12.68 16.90
C GLY C 146 32.27 13.07 15.64
N GLN C 147 33.02 13.14 14.55
CA GLN C 147 32.48 13.45 13.23
C GLN C 147 32.90 12.31 12.28
N GLY C 148 32.69 11.10 12.77
CA GLY C 148 32.90 9.88 12.04
C GLY C 148 31.55 9.43 11.55
N THR C 149 30.62 9.17 12.50
CA THR C 149 29.21 8.85 12.23
C THR C 149 28.31 9.71 13.13
N ILE C 150 27.26 10.36 12.54
CA ILE C 150 26.30 11.18 13.28
C ILE C 150 24.91 10.55 13.11
N SER C 151 24.44 9.92 14.21
CA SER C 151 23.18 9.20 14.23
C SER C 151 22.08 9.96 14.99
N THR C 152 20.83 9.87 14.49
CA THR C 152 19.60 10.39 15.08
C THR C 152 18.81 9.16 15.51
N VAL C 153 18.42 9.11 16.79
CA VAL C 153 17.77 7.93 17.36
C VAL C 153 16.38 8.27 17.86
N PHE C 154 15.39 7.52 17.39
CA PHE C 154 14.00 7.64 17.81
C PHE C 154 13.62 6.41 18.63
N GLY C 155 13.35 6.61 19.91
CA GLY C 155 13.02 5.52 20.82
C GLY C 155 11.95 5.86 21.84
N ARG C 156 11.78 4.97 22.81
CA ARG C 156 10.78 5.12 23.86
C ARG C 156 11.24 4.46 25.15
N SER C 157 12.22 3.56 25.05
CA SER C 157 12.73 2.84 26.21
C SER C 157 14.15 3.36 26.59
N GLY C 158 14.19 4.68 26.79
CA GLY C 158 15.40 5.41 27.18
C GLY C 158 15.24 6.07 28.53
N ILE C 159 16.35 6.15 29.34
CA ILE C 159 16.28 6.76 30.68
C ILE C 159 16.95 8.15 30.68
N ASP C 160 16.22 9.16 31.21
CA ASP C 160 16.74 10.52 31.28
C ASP C 160 17.57 10.69 32.53
N VAL C 161 18.85 10.43 32.36
CA VAL C 161 19.82 10.56 33.43
C VAL C 161 20.27 12.04 33.60
N SER C 162 19.69 13.00 32.82
CA SER C 162 20.06 14.42 32.90
C SER C 162 19.82 14.93 34.31
N GLY C 163 18.90 14.27 35.04
CA GLY C 163 18.66 14.57 36.45
C GLY C 163 19.84 14.25 37.35
N ILE C 164 20.53 13.11 37.07
CA ILE C 164 21.66 12.54 37.82
C ILE C 164 23.03 13.17 37.39
N SER C 165 23.46 13.06 36.12
CA SER C 165 24.72 13.70 35.63
C SER C 165 24.42 14.47 34.36
N ASN C 166 25.08 15.64 34.18
CA ASN C 166 24.78 16.49 33.03
C ASN C 166 25.93 17.42 32.64
N TYR C 167 27.15 16.87 32.52
CA TYR C 167 28.32 17.65 32.10
C TYR C 167 28.14 18.16 30.66
N LYS C 168 28.60 19.41 30.38
CA LYS C 168 28.50 20.11 29.06
C LYS C 168 27.01 20.26 28.62
N ASN C 169 26.09 20.02 29.59
CA ASN C 169 24.64 19.97 29.51
C ASN C 169 24.23 19.02 28.42
N ALA C 170 24.69 17.77 28.59
CA ALA C 170 24.48 16.66 27.69
C ALA C 170 23.00 16.29 27.57
N LYS C 171 22.26 16.29 28.69
CA LYS C 171 20.85 15.90 28.75
C LYS C 171 20.71 14.53 28.07
N ALA C 172 21.50 13.57 28.55
CA ALA C 172 21.56 12.25 27.97
C ALA C 172 20.30 11.45 28.19
N ILE C 173 20.02 10.52 27.24
CA ILE C 173 18.92 9.54 27.27
C ILE C 173 19.59 8.23 26.93
N LEU C 174 19.70 7.34 27.92
CA LEU C 174 20.44 6.09 27.67
C LEU C 174 19.52 4.98 27.24
N TYR C 175 19.94 4.21 26.22
CA TYR C 175 19.23 3.03 25.73
C TYR C 175 20.04 1.83 26.21
N ASN C 176 19.35 0.72 26.63
CA ASN C 176 19.90 -0.52 27.20
C ASN C 176 21.02 -1.14 26.34
N LYS C 177 21.83 -2.03 26.93
CA LYS C 177 22.88 -2.70 26.17
C LYS C 177 22.20 -3.74 25.33
N GLU C 178 22.74 -3.97 24.13
CA GLU C 178 22.23 -4.92 23.13
C GLU C 178 20.74 -4.57 22.72
N THR C 179 20.34 -3.27 22.90
CA THR C 179 19.01 -2.77 22.53
C THR C 179 19.06 -2.65 20.99
N ASP C 180 18.22 -3.48 20.36
CA ASP C 180 18.07 -3.64 18.91
C ASP C 180 17.49 -2.38 18.28
N MET C 181 18.16 -1.92 17.21
CA MET C 181 17.83 -0.73 16.41
C MET C 181 17.74 -1.07 14.91
N ARG C 182 16.73 -0.51 14.20
CA ARG C 182 16.50 -0.63 12.74
C ARG C 182 17.15 0.53 12.02
N VAL C 183 18.00 0.28 11.00
CA VAL C 183 18.62 1.41 10.29
C VAL C 183 17.59 1.90 9.27
N LEU C 184 17.07 3.10 9.50
CA LEU C 184 16.07 3.65 8.60
C LEU C 184 16.76 4.31 7.42
N LEU C 185 17.85 5.02 7.66
CA LEU C 185 18.66 5.66 6.62
C LEU C 185 20.11 5.70 7.04
N SER C 186 20.98 5.27 6.14
CA SER C 186 22.43 5.36 6.28
C SER C 186 22.90 5.99 4.99
N ALA C 187 23.45 7.20 5.10
CA ALA C 187 23.90 7.97 3.94
C ALA C 187 25.15 8.71 4.30
N SER C 188 25.91 9.17 3.29
CA SER C 188 27.17 9.85 3.53
C SER C 188 27.10 11.33 3.14
N ASP C 189 27.91 12.17 3.80
CA ASP C 189 28.06 13.59 3.55
C ASP C 189 29.07 13.79 2.45
N GLU C 190 29.06 14.96 1.80
CA GLU C 190 30.10 15.36 0.85
C GLU C 190 31.36 15.65 1.66
N GLN C 191 31.17 15.80 2.99
CA GLN C 191 32.19 16.06 3.97
C GLN C 191 32.83 14.74 4.36
N GLY C 192 32.16 13.61 4.05
CA GLY C 192 32.62 12.27 4.34
C GLY C 192 31.89 11.56 5.47
N VAL C 193 31.45 12.36 6.47
CA VAL C 193 30.73 11.91 7.66
C VAL C 193 29.45 11.17 7.25
N THR C 194 29.33 9.91 7.71
CA THR C 194 28.19 9.06 7.42
C THR C 194 27.09 9.42 8.41
N ARG C 195 25.95 9.81 7.87
CA ARG C 195 24.77 10.28 8.56
C ARG C 195 23.71 9.21 8.57
N ARG C 196 23.45 8.63 9.77
CA ARG C 196 22.47 7.56 10.00
C ARG C 196 21.26 8.08 10.77
N VAL C 197 20.13 7.31 10.68
CA VAL C 197 18.85 7.51 11.38
C VAL C 197 18.45 6.11 11.90
N LEU C 198 18.52 5.88 13.22
CA LEU C 198 18.16 4.58 13.82
C LEU C 198 16.85 4.67 14.57
N GLU C 199 16.05 3.60 14.51
CA GLU C 199 14.77 3.52 15.22
C GLU C 199 14.84 2.36 16.19
N GLU C 200 14.27 2.50 17.40
CA GLU C 200 14.23 1.40 18.38
C GLU C 200 13.33 0.32 17.81
N ALA C 201 13.93 -0.84 17.44
CA ALA C 201 13.29 -1.98 16.78
C ALA C 201 11.81 -2.18 17.20
N ALA C 202 11.57 -2.23 18.54
CA ALA C 202 10.30 -2.46 19.25
C ALA C 202 9.24 -1.36 19.08
N LEU C 203 9.53 -0.30 18.30
CA LEU C 203 8.52 0.71 18.04
C LEU C 203 7.62 0.26 16.88
N GLY C 204 8.10 -0.75 16.15
CA GLY C 204 7.36 -1.35 15.04
C GLY C 204 7.68 -0.78 13.68
N GLU C 205 6.85 -1.19 12.71
CA GLU C 205 6.88 -0.86 11.28
C GLU C 205 5.96 0.34 11.02
N LEU C 206 4.81 0.34 11.71
CA LEU C 206 3.76 1.32 11.65
C LEU C 206 4.20 2.70 12.15
N SER C 207 5.08 2.71 13.16
CA SER C 207 5.57 3.94 13.79
C SER C 207 6.40 4.79 12.84
N GLY C 208 6.35 6.11 13.04
CA GLY C 208 7.13 7.07 12.26
C GLY C 208 6.51 7.64 11.02
N HIS C 209 5.25 7.32 10.75
CA HIS C 209 4.56 7.85 9.57
C HIS C 209 3.33 8.68 9.96
N SER C 210 3.08 9.77 9.24
CA SER C 210 1.88 10.55 9.39
C SER C 210 0.83 9.85 8.53
N GLN C 211 -0.34 9.49 9.15
CA GLN C 211 -1.41 8.67 8.53
C GLN C 211 -1.69 9.05 7.07
N GLY C 212 -1.32 8.12 6.18
CA GLY C 212 -1.50 8.20 4.74
C GLY C 212 -0.87 9.38 4.01
N LEU C 213 0.18 10.05 4.60
CA LEU C 213 0.84 11.20 3.98
C LEU C 213 1.59 10.74 2.75
N LEU C 214 2.37 9.65 2.92
CA LEU C 214 3.14 9.02 1.85
C LEU C 214 2.25 8.67 0.66
N ASP C 215 1.04 8.19 0.90
CA ASP C 215 0.13 7.88 -0.21
C ASP C 215 -0.36 9.17 -0.91
N ALA C 216 -0.87 10.15 -0.15
CA ALA C 216 -1.35 11.43 -0.68
C ALA C 216 -0.26 12.22 -1.44
N LEU C 217 1.04 12.06 -1.07
CA LEU C 217 2.15 12.75 -1.74
C LEU C 217 2.32 12.30 -3.19
N ASP C 218 1.78 11.06 -3.54
CA ASP C 218 1.67 10.49 -4.90
C ASP C 218 3.05 10.61 -5.61
N LEU C 219 4.05 10.13 -4.89
CA LEU C 219 5.45 10.19 -5.26
C LEU C 219 5.73 9.49 -6.61
N ALA C 220 6.57 10.13 -7.45
CA ALA C 220 6.98 9.66 -8.78
C ALA C 220 8.05 8.60 -8.67
N SER C 221 7.61 7.39 -8.36
CA SER C 221 8.43 6.19 -8.22
C SER C 221 7.55 4.95 -8.36
N LYS C 222 8.16 3.80 -8.75
CA LYS C 222 7.46 2.51 -8.89
C LYS C 222 7.13 1.89 -7.50
N PRO C 223 5.93 1.26 -7.34
CA PRO C 223 5.56 0.73 -6.01
C PRO C 223 6.23 -0.60 -5.66
N LEU C 236 -4.06 -19.07 -8.42
CA LEU C 236 -3.45 -18.65 -9.68
C LEU C 236 -4.09 -19.42 -10.87
N ARG C 237 -5.05 -18.75 -11.54
CA ARG C 237 -5.90 -19.27 -12.64
C ARG C 237 -5.36 -18.98 -14.06
N MET C 238 -5.98 -19.66 -15.05
CA MET C 238 -5.63 -19.60 -16.48
C MET C 238 -6.69 -18.87 -17.38
N ARG C 239 -7.82 -19.51 -17.74
CA ARG C 239 -8.77 -18.85 -18.65
C ARG C 239 -10.21 -18.70 -18.06
N GLY C 240 -11.13 -18.25 -18.92
CA GLY C 240 -12.54 -17.98 -18.66
C GLY C 240 -13.34 -19.19 -18.29
N LEU C 241 -13.54 -19.35 -16.96
CA LEU C 241 -14.27 -20.42 -16.29
C LEU C 241 -14.74 -19.97 -14.89
N ASP C 242 -14.30 -18.78 -14.40
CA ASP C 242 -14.65 -18.16 -13.10
C ASP C 242 -14.60 -19.15 -11.92
N LEU C 243 -13.60 -20.07 -11.89
CA LEU C 243 -13.44 -21.10 -10.87
C LEU C 243 -13.43 -20.50 -9.44
N ALA C 244 -14.52 -20.76 -8.68
CA ALA C 244 -14.70 -20.23 -7.34
C ALA C 244 -14.75 -21.34 -6.30
OAH F4W D . 29.59 5.43 24.86
CAQ F4W D . 30.68 5.39 24.18
OAR F4W D . 31.79 4.91 24.60
CAP F4W D . 30.63 5.91 22.71
CAO F4W D . 31.08 7.37 22.38
CAN F4W D . 30.09 8.28 22.74
NAM F4W D . 29.79 8.50 24.07
CAL F4W D . 28.83 9.39 24.44
SAK F4W D . 28.36 9.76 25.81
CAJ F4W D . 27.32 10.78 25.52
CAI F4W D . 26.39 11.62 26.16
CAB F4W D . 25.34 11.88 25.15
CAC F4W D . 26.22 11.93 23.96
CAD F4W D . 27.22 10.95 24.17
CAE F4W D . 28.11 10.13 23.50
CAF F4W D . 28.38 9.93 22.14
OAA F4W D . 27.81 10.53 21.22
NAG F4W D . 29.38 9.01 21.75
#